data_2HI1
#
_entry.id   2HI1
#
_cell.length_a   77.660
_cell.length_b   92.892
_cell.length_c   101.328
_cell.angle_alpha   90.00
_cell.angle_beta   90.00
_cell.angle_gamma   90.00
#
_symmetry.space_group_name_H-M   'P 21 21 21'
#
loop_
_entity.id
_entity.type
_entity.pdbx_description
1 polymer '4-hydroxythreonine-4-phosphate dehydrogenase 2'
2 water water
#
_entity_poly.entity_id   1
_entity_poly.type   'polypeptide(L)'
_entity_poly.pdbx_seq_one_letter_code
;SNA(MSE)ETKTVAIT(MSE)GDPAGIGPEIIVKALSEDGLNGAPLVVIGCLATLKRLQAKGITPNVELRAIERVAEARF
APGIIHVIDEPLAQPEALEAGKVQAQAGDLAYRCVKRATELALRGDVQAIATAPLNKEALHLAGHNYPGHTELLATLTHS
RDYA(MSE)VLYTDKLKVIHVSTHIALRKFLDTLSTARVETVIGIADTFLKRVGYVKPRIAVAGVNPHAGENGLFGDEET
RILTPAITDARAKG(MSE)DVYGPCPPDTVFLQAYEGQYD(MSE)VVA(MSE)YHDQGHIPLKLLGFYDGVNITAGLPFI
RTSADHGTAFDIAWTGKAKSES(MSE)AVSIKLA(MSE)QLA
;
_entity_poly.pdbx_strand_id   A,B
#
# COMPACT_ATOMS: atom_id res chain seq x y z
N GLU A 5 34.67 -17.99 13.01
CA GLU A 5 33.99 -17.57 14.28
C GLU A 5 33.45 -16.14 14.23
N THR A 6 34.32 -15.17 14.54
CA THR A 6 33.95 -13.76 14.64
C THR A 6 33.63 -13.10 13.27
N LYS A 7 32.60 -12.25 13.28
CA LYS A 7 32.08 -11.62 12.07
C LYS A 7 32.34 -10.12 12.12
N THR A 8 32.88 -9.59 11.03
CA THR A 8 33.27 -8.20 10.96
C THR A 8 32.54 -7.49 9.80
N VAL A 9 32.07 -6.29 10.08
CA VAL A 9 31.39 -5.50 9.09
C VAL A 9 32.33 -4.37 8.63
N ALA A 10 32.41 -4.17 7.33
CA ALA A 10 33.10 -3.00 6.80
C ALA A 10 32.10 -1.87 6.62
N ILE A 11 32.46 -0.66 7.03
CA ILE A 11 31.60 0.50 6.80
C ILE A 11 32.27 1.47 5.85
N THR A 12 31.61 1.76 4.74
CA THR A 12 32.22 2.65 3.75
C THR A 12 31.80 4.10 4.01
N MSE A 13 32.77 4.99 3.87
CA MSE A 13 32.60 6.42 4.14
C MSE A 13 31.59 7.16 3.23
O MSE A 13 30.97 8.14 3.64
CB MSE A 13 33.97 7.09 4.08
CG MSE A 13 33.91 8.58 3.89
SE MSE A 13 35.53 9.49 4.44
CE MSE A 13 35.50 8.98 6.33
N GLY A 14 31.46 6.72 1.98
CA GLY A 14 30.63 7.43 0.99
C GLY A 14 31.28 8.75 0.60
N ASP A 15 30.47 9.72 0.18
CA ASP A 15 30.99 11.01 -0.25
C ASP A 15 31.30 11.84 0.97
N PRO A 16 32.59 12.17 1.18
CA PRO A 16 33.02 12.85 2.38
C PRO A 16 32.52 14.30 2.45
N ALA A 17 32.04 14.85 1.33
CA ALA A 17 31.44 16.20 1.35
C ALA A 17 30.01 16.14 1.90
N GLY A 18 29.45 14.92 1.95
CA GLY A 18 28.10 14.65 2.47
C GLY A 18 28.12 14.33 3.96
N ILE A 19 27.06 13.68 4.44
CA ILE A 19 26.90 13.38 5.88
C ILE A 19 27.48 12.05 6.35
N GLY A 20 27.94 11.21 5.41
CA GLY A 20 28.56 9.92 5.71
C GLY A 20 29.54 9.95 6.88
N PRO A 21 30.64 10.69 6.75
CA PRO A 21 31.61 10.72 7.86
C PRO A 21 30.98 10.97 9.23
N GLU A 22 30.18 12.02 9.33
CA GLU A 22 29.66 12.45 10.62
C GLU A 22 28.65 11.48 11.20
N ILE A 23 27.83 10.88 10.33
CA ILE A 23 26.84 9.90 10.77
C ILE A 23 27.50 8.56 11.15
N ILE A 24 28.59 8.19 10.51
CA ILE A 24 29.34 7.00 10.99
C ILE A 24 29.94 7.20 12.39
N VAL A 25 30.65 8.30 12.59
CA VAL A 25 31.32 8.47 13.87
C VAL A 25 30.27 8.51 14.99
N LYS A 26 29.20 9.29 14.76
CA LYS A 26 28.11 9.38 15.70
C LYS A 26 27.48 8.03 16.02
N ALA A 27 27.28 7.23 14.97
CA ALA A 27 26.58 5.97 15.09
C ALA A 27 27.46 5.05 15.91
N LEU A 28 28.77 5.12 15.68
CA LEU A 28 29.72 4.25 16.31
C LEU A 28 29.94 4.57 17.77
N SER A 29 29.47 5.74 18.23
CA SER A 29 29.53 6.09 19.65
C SER A 29 28.43 5.41 20.48
N GLU A 30 27.40 4.90 19.80
CA GLU A 30 26.24 4.27 20.43
C GLU A 30 26.55 2.88 20.97
N ASP A 31 25.99 2.57 22.13
CA ASP A 31 26.15 1.26 22.74
C ASP A 31 25.77 0.14 21.80
N GLY A 32 26.62 -0.86 21.68
CA GLY A 32 26.34 -1.98 20.79
C GLY A 32 27.02 -1.76 19.46
N LEU A 33 27.43 -0.51 19.18
CA LEU A 33 28.35 -0.21 18.07
C LEU A 33 29.72 0.21 18.58
N ASN A 34 29.76 0.82 19.74
CA ASN A 34 31.02 1.23 20.35
C ASN A 34 31.93 0.02 20.70
N GLY A 35 33.12 -0.01 20.11
CA GLY A 35 34.05 -1.11 20.31
C GLY A 35 33.63 -2.44 19.71
N ALA A 36 32.74 -2.40 18.73
CA ALA A 36 32.24 -3.60 18.04
C ALA A 36 33.16 -4.01 16.89
N PRO A 37 33.07 -5.27 16.41
CA PRO A 37 33.84 -5.72 15.25
C PRO A 37 33.46 -5.00 13.96
N LEU A 38 33.98 -3.78 13.83
CA LEU A 38 33.69 -2.88 12.73
C LEU A 38 34.99 -2.24 12.24
N VAL A 39 35.06 -2.02 10.94
CA VAL A 39 36.19 -1.34 10.34
C VAL A 39 35.60 -0.26 9.41
N VAL A 40 36.06 0.98 9.57
CA VAL A 40 35.69 2.06 8.66
C VAL A 40 36.68 2.12 7.51
N ILE A 41 36.17 2.11 6.28
CA ILE A 41 37.00 2.30 5.08
C ILE A 41 36.77 3.73 4.62
N GLY A 42 37.79 4.57 4.71
CA GLY A 42 37.62 5.98 4.36
C GLY A 42 38.85 6.80 4.60
N CYS A 43 38.73 8.10 4.47
CA CYS A 43 39.89 8.97 4.59
C CYS A 43 40.18 9.33 6.03
N LEU A 44 41.24 8.75 6.56
CA LEU A 44 41.65 9.03 7.96
C LEU A 44 41.91 10.52 8.21
N ALA A 45 42.58 11.20 7.27
CA ALA A 45 42.85 12.63 7.38
C ALA A 45 41.59 13.47 7.49
N THR A 46 40.56 13.09 6.72
CA THR A 46 39.27 13.75 6.71
C THR A 46 38.54 13.56 8.04
N LEU A 47 38.57 12.34 8.59
CA LEU A 47 38.00 12.06 9.90
C LEU A 47 38.68 12.84 11.03
N LYS A 48 40.00 13.00 10.96
CA LYS A 48 40.69 13.83 11.94
C LYS A 48 40.25 15.30 11.79
N ARG A 49 40.02 15.70 10.55
CA ARG A 49 39.73 17.09 10.24
C ARG A 49 38.32 17.44 10.70
N LEU A 50 37.40 16.50 10.56
CA LEU A 50 36.03 16.76 10.98
C LEU A 50 35.90 16.75 12.50
N GLN A 51 36.72 15.96 13.17
CA GLN A 51 36.73 15.94 14.64
C GLN A 51 37.23 17.27 15.17
N ALA A 52 38.24 17.83 14.51
CA ALA A 52 38.88 19.10 14.95
C ALA A 52 37.98 20.33 14.76
N LYS A 53 37.09 20.26 13.76
CA LYS A 53 36.06 21.26 13.54
C LYS A 53 34.87 21.06 14.48
N GLY A 54 34.86 19.94 15.20
CA GLY A 54 33.86 19.65 16.23
C GLY A 54 32.59 19.04 15.68
N ILE A 55 32.61 18.79 14.38
CA ILE A 55 31.51 18.18 13.68
C ILE A 55 31.34 16.77 14.25
N THR A 56 32.31 15.93 13.88
CA THR A 56 32.54 14.60 14.42
C THR A 56 32.77 14.69 15.93
N PRO A 57 32.20 13.76 16.71
CA PRO A 57 32.54 13.89 18.16
C PRO A 57 33.93 13.28 18.51
N ASN A 58 34.39 13.54 19.71
CA ASN A 58 35.68 13.03 20.15
C ASN A 58 35.77 11.47 20.21
N VAL A 59 36.86 10.92 19.66
CA VAL A 59 37.09 9.46 19.59
C VAL A 59 38.55 9.16 19.14
N GLU A 60 39.14 8.07 19.62
CA GLU A 60 40.45 7.67 19.07
C GLU A 60 40.29 6.91 17.74
N LEU A 61 40.96 7.40 16.70
CA LEU A 61 40.93 6.81 15.38
C LEU A 61 42.25 6.11 15.19
N ARG A 62 42.20 4.82 14.84
CA ARG A 62 43.42 4.01 14.64
C ARG A 62 43.48 3.45 13.24
N ALA A 63 44.54 3.76 12.51
CA ALA A 63 44.71 3.20 11.16
C ALA A 63 45.14 1.73 11.29
N ILE A 64 44.65 0.89 10.37
CA ILE A 64 45.06 -0.48 10.23
C ILE A 64 45.20 -0.71 8.74
N GLU A 65 46.12 -1.58 8.36
CA GLU A 65 46.35 -1.86 6.95
C GLU A 65 45.55 -3.09 6.51
N ARG A 66 45.23 -3.94 7.48
CA ARG A 66 44.54 -5.23 7.31
C ARG A 66 43.51 -5.38 8.41
N VAL A 67 42.36 -5.98 8.12
CA VAL A 67 41.27 -6.09 9.10
C VAL A 67 41.72 -6.79 10.39
N ALA A 68 42.52 -7.85 10.23
CA ALA A 68 42.94 -8.66 11.35
C ALA A 68 43.74 -7.91 12.42
N GLU A 69 44.29 -6.76 12.03
CA GLU A 69 45.17 -5.93 12.88
C GLU A 69 44.42 -5.11 13.89
N ALA A 70 43.10 -5.07 13.76
CA ALA A 70 42.25 -4.38 14.71
C ALA A 70 42.33 -4.98 16.11
N ARG A 71 42.28 -4.09 17.09
CA ARG A 71 42.16 -4.44 18.48
C ARG A 71 40.94 -3.71 18.96
N PHE A 72 39.77 -4.35 18.89
CA PHE A 72 38.47 -3.67 19.17
C PHE A 72 38.34 -3.33 20.65
N ALA A 73 37.89 -2.12 20.93
CA ALA A 73 37.77 -1.62 22.31
C ALA A 73 36.88 -0.40 22.25
N PRO A 74 36.04 -0.19 23.27
CA PRO A 74 35.22 1.02 23.32
C PRO A 74 36.08 2.28 23.14
N GLY A 75 35.62 3.23 22.35
CA GLY A 75 36.30 4.54 22.23
C GLY A 75 37.36 4.59 21.16
N ILE A 76 37.54 3.49 20.44
CA ILE A 76 38.47 3.42 19.31
C ILE A 76 37.69 3.01 18.08
N ILE A 77 37.85 3.76 16.99
CA ILE A 77 37.36 3.33 15.68
C ILE A 77 38.59 2.96 14.87
N HIS A 78 38.58 1.77 14.26
CA HIS A 78 39.63 1.37 13.32
C HIS A 78 39.29 1.74 11.87
N VAL A 79 40.29 2.22 11.13
CA VAL A 79 40.13 2.81 9.81
C VAL A 79 41.12 2.20 8.81
N ILE A 80 40.60 1.71 7.68
CA ILE A 80 41.44 1.39 6.54
C ILE A 80 41.51 2.70 5.75
N ASP A 81 42.67 3.34 5.81
CA ASP A 81 42.86 4.68 5.26
C ASP A 81 42.87 4.65 3.74
N GLU A 82 41.71 4.88 3.13
CA GLU A 82 41.65 5.25 1.72
C GLU A 82 41.65 6.78 1.61
N PRO A 83 42.75 7.37 1.10
CA PRO A 83 42.86 8.85 1.23
C PRO A 83 42.12 9.68 0.20
N LEU A 84 41.57 10.79 0.68
CA LEU A 84 41.07 11.84 -0.19
C LEU A 84 42.32 12.48 -0.78
N ALA A 85 42.26 12.90 -2.04
CA ALA A 85 43.45 13.44 -2.70
C ALA A 85 43.99 14.69 -1.98
N GLN A 86 43.10 15.59 -1.61
CA GLN A 86 43.48 16.80 -0.89
C GLN A 86 42.49 17.06 0.23
N PRO A 87 42.72 16.41 1.39
CA PRO A 87 41.81 16.55 2.54
C PRO A 87 41.50 18.00 2.94
N GLU A 88 42.52 18.87 2.89
CA GLU A 88 42.33 20.29 3.25
C GLU A 88 41.46 21.05 2.25
N ALA A 89 41.25 20.48 1.07
CA ALA A 89 40.53 21.20 0.01
C ALA A 89 39.05 20.85 -0.05
N LEU A 90 38.60 19.90 0.77
CA LEU A 90 37.21 19.47 0.78
C LEU A 90 36.28 20.57 1.30
N GLU A 91 35.25 20.89 0.53
CA GLU A 91 34.18 21.82 0.95
C GLU A 91 32.97 20.97 1.29
N ALA A 92 32.28 21.31 2.38
CA ALA A 92 31.03 20.66 2.76
C ALA A 92 29.95 20.83 1.69
N GLY A 93 29.21 19.76 1.46
CA GLY A 93 28.03 19.81 0.60
C GLY A 93 28.19 20.36 -0.80
N LYS A 94 29.37 20.26 -1.40
CA LYS A 94 29.49 20.56 -2.84
C LYS A 94 29.85 19.32 -3.65
N VAL A 95 29.50 19.34 -4.92
CA VAL A 95 29.88 18.29 -5.85
C VAL A 95 31.36 18.47 -6.24
N GLN A 96 32.18 17.48 -5.87
CA GLN A 96 33.63 17.52 -6.05
C GLN A 96 34.09 16.17 -6.58
N ALA A 97 34.94 16.22 -7.61
CA ALA A 97 35.47 15.04 -8.26
C ALA A 97 36.31 14.17 -7.30
N GLN A 98 37.12 14.80 -6.44
CA GLN A 98 37.94 14.02 -5.50
C GLN A 98 37.08 13.31 -4.45
N ALA A 99 35.95 13.91 -4.09
CA ALA A 99 35.05 13.28 -3.13
C ALA A 99 34.32 12.13 -3.79
N GLY A 100 33.95 12.30 -5.04
CA GLY A 100 33.34 11.20 -5.80
C GLY A 100 34.36 10.09 -6.04
N ASP A 101 35.61 10.46 -6.28
CA ASP A 101 36.64 9.45 -6.45
C ASP A 101 36.85 8.63 -5.17
N LEU A 102 36.97 9.32 -4.02
CA LEU A 102 37.06 8.65 -2.71
C LEU A 102 35.88 7.71 -2.49
N ALA A 103 34.66 8.19 -2.65
CA ALA A 103 33.48 7.31 -2.53
C ALA A 103 33.63 6.03 -3.36
N TYR A 104 34.01 6.19 -4.63
CA TYR A 104 34.26 5.04 -5.48
C TYR A 104 35.31 4.11 -4.85
N ARG A 105 36.41 4.64 -4.35
CA ARG A 105 37.57 3.80 -3.90
C ARG A 105 37.29 3.04 -2.63
N CYS A 106 36.45 3.62 -1.77
CA CYS A 106 35.99 2.95 -0.56
C CYS A 106 35.11 1.76 -0.85
N VAL A 107 34.14 1.91 -1.74
CA VAL A 107 33.29 0.74 -2.01
C VAL A 107 34.10 -0.32 -2.76
N LYS A 108 34.99 0.12 -3.64
CA LYS A 108 35.91 -0.79 -4.30
C LYS A 108 36.75 -1.60 -3.30
N ARG A 109 37.35 -0.91 -2.34
CA ARG A 109 38.17 -1.54 -1.31
C ARG A 109 37.33 -2.46 -0.40
N ALA A 110 36.13 -2.01 -0.03
CA ALA A 110 35.20 -2.83 0.77
C ALA A 110 34.82 -4.18 0.13
N THR A 111 34.49 -4.16 -1.16
CA THR A 111 34.12 -5.38 -1.86
C THR A 111 35.32 -6.33 -2.00
N GLU A 112 36.51 -5.76 -2.15
CA GLU A 112 37.74 -6.55 -2.17
C GLU A 112 38.00 -7.24 -0.84
N LEU A 113 37.90 -6.52 0.26
CA LEU A 113 37.90 -7.16 1.59
C LEU A 113 36.83 -8.23 1.78
N ALA A 114 35.60 -7.97 1.31
CA ALA A 114 34.53 -8.98 1.37
C ALA A 114 34.83 -10.22 0.54
N LEU A 115 35.39 -10.02 -0.67
CA LEU A 115 35.69 -11.09 -1.59
C LEU A 115 36.68 -12.07 -1.01
N ARG A 116 37.68 -11.57 -0.27
CA ARG A 116 38.64 -12.46 0.40
CA ARG A 116 38.62 -12.49 0.38
C ARG A 116 38.24 -12.86 1.83
N GLY A 117 37.02 -12.52 2.22
CA GLY A 117 36.49 -12.91 3.53
C GLY A 117 37.09 -12.25 4.76
N ASP A 118 37.69 -11.08 4.60
CA ASP A 118 38.23 -10.35 5.75
C ASP A 118 37.07 -9.70 6.47
N VAL A 119 36.01 -9.52 5.70
CA VAL A 119 34.81 -8.89 6.19
C VAL A 119 33.64 -9.72 5.68
N GLN A 120 32.58 -9.77 6.46
CA GLN A 120 31.43 -10.64 6.19
C GLN A 120 30.18 -9.89 5.67
N ALA A 121 30.14 -8.59 5.94
CA ALA A 121 29.03 -7.71 5.56
C ALA A 121 29.57 -6.31 5.37
N ILE A 122 28.79 -5.47 4.70
CA ILE A 122 29.15 -4.10 4.37
C ILE A 122 27.94 -3.21 4.65
N ALA A 123 28.17 -2.08 5.33
CA ALA A 123 27.15 -1.06 5.50
C ALA A 123 27.67 0.15 4.76
N THR A 124 26.91 0.69 3.84
CA THR A 124 27.43 1.77 3.02
C THR A 124 26.76 3.06 3.40
N ALA A 125 27.56 4.09 3.67
CA ALA A 125 27.08 5.44 3.82
C ALA A 125 26.86 6.01 2.41
N PRO A 126 25.97 7.02 2.25
CA PRO A 126 25.54 7.46 0.94
C PRO A 126 26.60 8.18 0.13
N LEU A 127 26.48 8.09 -1.19
CA LEU A 127 27.36 8.79 -2.09
C LEU A 127 26.58 9.62 -3.09
N ASN A 128 27.29 10.52 -3.77
CA ASN A 128 26.68 11.38 -4.72
C ASN A 128 27.03 10.96 -6.14
N LYS A 129 25.98 10.73 -6.93
CA LYS A 129 26.10 10.19 -8.27
C LYS A 129 26.81 11.18 -9.18
N GLU A 130 26.51 12.47 -9.00
CA GLU A 130 27.05 13.49 -9.89
C GLU A 130 28.55 13.66 -9.71
N ALA A 131 29.01 13.58 -8.45
CA ALA A 131 30.43 13.63 -8.10
C ALA A 131 31.17 12.39 -8.61
N LEU A 132 30.55 11.22 -8.45
CA LEU A 132 31.06 9.98 -9.00
C LEU A 132 31.34 10.10 -10.51
N HIS A 133 30.39 10.65 -11.26
CA HIS A 133 30.52 10.85 -12.71
C HIS A 133 31.62 11.87 -13.03
N LEU A 134 31.72 12.89 -12.20
CA LEU A 134 32.72 13.93 -12.36
C LEU A 134 34.11 13.33 -12.17
N ALA A 135 34.24 12.36 -11.28
CA ALA A 135 35.51 11.68 -11.07
C ALA A 135 35.83 10.71 -12.21
N GLY A 136 34.86 10.48 -13.08
CA GLY A 136 35.05 9.61 -14.25
C GLY A 136 34.69 8.18 -13.97
N HIS A 137 33.86 7.98 -12.95
CA HIS A 137 33.33 6.68 -12.60
C HIS A 137 31.91 6.58 -13.07
N ASN A 138 31.74 5.93 -14.22
CA ASN A 138 30.46 5.94 -14.87
C ASN A 138 29.49 4.80 -14.47
N TYR A 139 28.75 5.04 -13.37
CA TYR A 139 27.78 4.08 -12.82
C TYR A 139 26.46 4.78 -12.50
N PRO A 140 25.31 4.10 -12.74
CA PRO A 140 24.00 4.71 -12.61
C PRO A 140 23.66 5.07 -11.18
N GLY A 141 24.41 4.53 -10.23
CA GLY A 141 24.17 4.77 -8.82
C GLY A 141 24.99 3.85 -7.95
N HIS A 142 24.88 4.08 -6.64
CA HIS A 142 25.61 3.32 -5.63
C HIS A 142 25.46 1.81 -5.74
N THR A 143 24.23 1.35 -5.72
CA THR A 143 23.90 -0.08 -5.76
C THR A 143 24.42 -0.79 -7.03
N GLU A 144 24.23 -0.12 -8.16
CA GLU A 144 24.69 -0.58 -9.44
C GLU A 144 26.22 -0.68 -9.44
N LEU A 145 26.89 0.32 -8.86
CA LEU A 145 28.35 0.26 -8.65
C LEU A 145 28.78 -0.99 -7.86
N LEU A 146 28.14 -1.21 -6.71
CA LEU A 146 28.36 -2.43 -5.94
C LEU A 146 28.18 -3.71 -6.74
N ALA A 147 27.16 -3.71 -7.60
CA ALA A 147 26.83 -4.89 -8.42
C ALA A 147 27.84 -5.11 -9.53
N THR A 148 28.34 -4.03 -10.12
CA THR A 148 29.32 -4.17 -11.18
C THR A 148 30.64 -4.67 -10.61
N LEU A 149 31.12 -4.04 -9.55
CA LEU A 149 32.37 -4.44 -8.85
C LEU A 149 32.40 -5.92 -8.44
N THR A 150 31.22 -6.44 -8.14
CA THR A 150 31.00 -7.71 -7.51
C THR A 150 30.57 -8.79 -8.57
N HIS A 151 30.43 -8.37 -9.83
CA HIS A 151 29.98 -9.26 -10.91
C HIS A 151 28.62 -9.91 -10.66
N SER A 152 27.71 -9.16 -10.07
CA SER A 152 26.37 -9.64 -9.74
C SER A 152 25.39 -8.98 -10.66
N ARG A 153 24.74 -9.77 -11.51
CA ARG A 153 23.67 -9.25 -12.33
C ARG A 153 22.38 -9.19 -11.54
N ASP A 154 22.26 -10.10 -10.58
CA ASP A 154 20.97 -10.38 -10.00
C ASP A 154 20.91 -9.95 -8.55
N TYR A 155 20.26 -8.82 -8.30
CA TYR A 155 20.10 -8.31 -6.93
C TYR A 155 18.74 -7.63 -6.80
N ALA A 156 18.26 -7.50 -5.57
CA ALA A 156 16.92 -6.97 -5.30
C ALA A 156 16.90 -6.37 -3.91
N MSE A 157 16.07 -5.34 -3.72
CA MSE A 157 15.98 -4.64 -2.45
C MSE A 157 15.07 -5.33 -1.44
O MSE A 157 13.94 -5.63 -1.75
CB MSE A 157 15.51 -3.21 -2.65
CG MSE A 157 15.36 -2.50 -1.32
SE MSE A 157 14.64 -0.70 -1.42
CE MSE A 157 16.11 0.22 -2.39
N VAL A 158 15.60 -5.55 -0.23
CA VAL A 158 14.87 -6.17 0.86
C VAL A 158 14.58 -5.19 1.97
N LEU A 159 13.32 -5.14 2.41
CA LEU A 159 12.98 -4.44 3.66
C LEU A 159 12.77 -5.47 4.77
N TYR A 160 13.58 -5.37 5.81
CA TYR A 160 13.68 -6.43 6.81
C TYR A 160 13.23 -5.93 8.18
N THR A 161 12.10 -6.44 8.65
CA THR A 161 11.69 -6.22 10.04
C THR A 161 11.38 -7.57 10.68
N ASP A 162 11.14 -7.56 11.98
CA ASP A 162 10.85 -8.81 12.68
C ASP A 162 9.57 -9.38 12.12
N LYS A 163 8.54 -8.55 12.05
CA LYS A 163 7.22 -9.01 11.64
C LYS A 163 6.92 -9.01 10.15
N LEU A 164 7.55 -8.12 9.38
CA LEU A 164 7.31 -8.09 7.94
C LEU A 164 8.60 -7.97 7.12
N LYS A 165 8.83 -8.98 6.28
CA LYS A 165 9.93 -8.93 5.32
C LYS A 165 9.40 -8.91 3.88
N VAL A 166 10.01 -8.06 3.07
CA VAL A 166 9.57 -7.80 1.70
C VAL A 166 10.83 -7.68 0.79
N ILE A 167 10.76 -8.30 -0.37
CA ILE A 167 11.77 -8.13 -1.37
C ILE A 167 11.02 -7.64 -2.60
N HIS A 168 11.66 -6.81 -3.42
CA HIS A 168 11.02 -6.14 -4.54
C HIS A 168 11.56 -6.63 -5.86
N VAL A 169 10.64 -6.95 -6.77
CA VAL A 169 10.95 -7.26 -8.15
C VAL A 169 11.54 -5.99 -8.76
N SER A 170 10.92 -4.86 -8.47
CA SER A 170 11.43 -3.60 -8.95
C SER A 170 11.31 -2.52 -7.89
N THR A 171 12.17 -1.51 -8.01
CA THR A 171 12.17 -0.29 -7.20
C THR A 171 12.46 0.90 -8.14
N HIS A 172 12.10 2.11 -7.74
CA HIS A 172 12.54 3.35 -8.43
C HIS A 172 12.45 3.34 -9.93
N ILE A 173 11.26 3.07 -10.44
CA ILE A 173 10.97 3.17 -11.85
C ILE A 173 9.50 3.54 -11.95
N ALA A 174 9.12 4.28 -12.98
CA ALA A 174 7.72 4.54 -13.25
C ALA A 174 6.91 3.23 -13.27
N LEU A 175 5.64 3.35 -12.91
CA LEU A 175 4.71 2.28 -12.95
C LEU A 175 4.50 1.73 -14.35
N ARG A 176 4.36 2.60 -15.34
CA ARG A 176 4.26 2.15 -16.73
C ARG A 176 5.53 1.37 -17.15
N LYS A 177 6.68 1.86 -16.72
CA LYS A 177 7.95 1.22 -16.96
C LYS A 177 7.95 -0.20 -16.35
N PHE A 178 7.55 -0.29 -15.08
CA PHE A 178 7.52 -1.58 -14.42
C PHE A 178 6.62 -2.58 -15.14
N LEU A 179 5.45 -2.13 -15.61
CA LEU A 179 4.54 -3.00 -16.33
C LEU A 179 5.06 -3.46 -17.68
N ASP A 180 5.81 -2.58 -18.33
CA ASP A 180 6.31 -2.86 -19.67
C ASP A 180 7.60 -3.66 -19.68
N THR A 181 8.34 -3.68 -18.57
CA THR A 181 9.55 -4.45 -18.51
C THR A 181 9.44 -5.66 -17.58
N LEU A 182 8.27 -5.90 -16.98
CA LEU A 182 8.10 -7.07 -16.15
C LEU A 182 8.29 -8.35 -16.97
N SER A 183 9.07 -9.29 -16.43
CA SER A 183 9.31 -10.57 -17.09
C SER A 183 9.35 -11.77 -16.12
N THR A 184 9.03 -12.93 -16.66
CA THR A 184 9.11 -14.21 -15.93
C THR A 184 10.50 -14.48 -15.38
N ALA A 185 11.52 -14.25 -16.20
CA ALA A 185 12.91 -14.41 -15.77
C ALA A 185 13.24 -13.55 -14.54
N ARG A 186 12.78 -12.31 -14.50
CA ARG A 186 13.06 -11.44 -13.36
C ARG A 186 12.36 -11.92 -12.08
N VAL A 187 11.12 -12.35 -12.22
CA VAL A 187 10.34 -12.80 -11.07
C VAL A 187 10.97 -14.05 -10.49
N GLU A 188 11.42 -14.92 -11.39
CA GLU A 188 12.07 -16.18 -11.06
C GLU A 188 13.37 -15.89 -10.29
N THR A 189 14.20 -15.03 -10.86
CA THR A 189 15.43 -14.58 -10.22
C THR A 189 15.20 -14.05 -8.80
N VAL A 190 14.20 -13.18 -8.64
CA VAL A 190 13.93 -12.55 -7.34
C VAL A 190 13.41 -13.58 -6.32
N ILE A 191 12.61 -14.54 -6.79
CA ILE A 191 12.19 -15.65 -5.92
C ILE A 191 13.41 -16.42 -5.44
N GLY A 192 14.34 -16.69 -6.36
CA GLY A 192 15.60 -17.35 -6.00
C GLY A 192 16.42 -16.60 -4.95
N ILE A 193 16.52 -15.29 -5.13
CA ILE A 193 17.25 -14.39 -4.23
C ILE A 193 16.56 -14.36 -2.86
N ALA A 194 15.21 -14.34 -2.86
CA ALA A 194 14.43 -14.39 -1.65
C ALA A 194 14.70 -15.67 -0.87
N ASP A 195 14.66 -16.80 -1.58
CA ASP A 195 14.94 -18.11 -1.00
C ASP A 195 16.35 -18.20 -0.39
N THR A 196 17.35 -17.73 -1.13
CA THR A 196 18.75 -17.77 -0.71
C THR A 196 19.01 -16.82 0.45
N PHE A 197 18.45 -15.62 0.38
CA PHE A 197 18.59 -14.64 1.45
C PHE A 197 18.03 -15.21 2.74
N LEU A 198 16.87 -15.85 2.66
CA LEU A 198 16.20 -16.29 3.88
C LEU A 198 16.92 -17.46 4.52
N LYS A 199 17.46 -18.37 3.70
CA LYS A 199 18.29 -19.45 4.22
C LYS A 199 19.58 -18.90 4.81
N ARG A 200 20.23 -17.95 4.12
CA ARG A 200 21.44 -17.34 4.65
C ARG A 200 21.21 -16.76 6.05
N VAL A 201 20.02 -16.19 6.28
CA VAL A 201 19.68 -15.63 7.60
C VAL A 201 18.94 -16.63 8.52
N GLY A 202 19.04 -17.91 8.20
CA GLY A 202 18.54 -18.99 9.08
C GLY A 202 17.09 -19.45 9.00
N TYR A 203 16.39 -19.17 7.92
CA TYR A 203 15.11 -19.85 7.66
C TYR A 203 15.42 -21.13 6.90
N VAL A 204 15.34 -22.26 7.58
CA VAL A 204 15.73 -23.51 6.92
C VAL A 204 14.82 -23.88 5.71
N LYS A 205 13.51 -23.65 5.81
CA LYS A 205 12.59 -23.84 4.67
C LYS A 205 11.58 -22.69 4.53
N PRO A 206 12.05 -21.54 4.01
CA PRO A 206 11.25 -20.31 4.03
C PRO A 206 9.95 -20.43 3.24
N ARG A 207 8.87 -19.80 3.73
N ARG A 207 8.87 -19.80 3.73
CA ARG A 207 7.63 -19.66 2.98
CA ARG A 207 7.62 -19.65 2.99
C ARG A 207 7.59 -18.27 2.31
C ARG A 207 7.63 -18.27 2.31
N ILE A 208 7.63 -18.26 0.99
CA ILE A 208 7.62 -17.04 0.20
C ILE A 208 6.25 -16.93 -0.47
N ALA A 209 5.58 -15.80 -0.22
CA ALA A 209 4.36 -15.46 -0.90
C ALA A 209 4.71 -14.47 -1.98
N VAL A 210 4.15 -14.63 -3.16
CA VAL A 210 4.35 -13.69 -4.27
C VAL A 210 3.09 -12.87 -4.47
N ALA A 211 3.22 -11.54 -4.37
CA ALA A 211 2.09 -10.59 -4.59
C ALA A 211 1.72 -10.54 -6.06
N GLY A 212 0.44 -10.36 -6.36
CA GLY A 212 -0.02 -10.17 -7.71
C GLY A 212 0.37 -8.77 -8.20
N VAL A 213 0.13 -8.52 -9.48
CA VAL A 213 0.38 -7.22 -10.01
C VAL A 213 -0.88 -6.39 -9.85
N ASN A 214 -2.00 -7.03 -10.18
CA ASN A 214 -3.31 -6.41 -10.21
C ASN A 214 -4.13 -6.68 -8.97
N PRO A 215 -5.07 -5.76 -8.63
CA PRO A 215 -5.95 -5.90 -7.48
C PRO A 215 -6.65 -7.22 -7.48
N HIS A 216 -6.67 -7.86 -6.30
CA HIS A 216 -7.22 -9.21 -6.07
C HIS A 216 -6.45 -10.31 -6.80
N ALA A 217 -5.31 -9.93 -7.39
CA ALA A 217 -4.55 -10.74 -8.37
C ALA A 217 -5.33 -11.00 -9.68
N GLY A 218 -6.34 -10.17 -9.97
CA GLY A 218 -7.25 -10.37 -11.10
C GLY A 218 -8.69 -10.03 -10.76
N GLU A 219 -9.59 -10.16 -11.73
CA GLU A 219 -11.02 -9.86 -11.55
C GLU A 219 -11.91 -11.10 -11.71
N ASN A 220 -13.02 -11.11 -10.96
CA ASN A 220 -14.06 -12.14 -11.08
C ASN A 220 -13.62 -13.57 -10.75
N GLY A 221 -12.75 -13.70 -9.75
CA GLY A 221 -12.21 -15.01 -9.35
C GLY A 221 -11.42 -15.65 -10.49
N LEU A 222 -10.77 -14.80 -11.28
CA LEU A 222 -9.81 -15.25 -12.30
C LEU A 222 -8.53 -14.43 -12.13
N PHE A 223 -7.38 -15.07 -12.34
CA PHE A 223 -6.13 -14.32 -12.33
C PHE A 223 -6.06 -13.40 -13.55
N GLY A 224 -5.33 -12.32 -13.40
CA GLY A 224 -5.18 -11.36 -14.47
C GLY A 224 -4.01 -11.71 -15.37
N ASP A 225 -3.80 -10.86 -16.36
CA ASP A 225 -2.84 -11.13 -17.39
C ASP A 225 -1.42 -11.38 -16.87
N GLU A 226 -0.88 -10.48 -16.06
CA GLU A 226 0.49 -10.66 -15.54
C GLU A 226 0.57 -11.87 -14.66
N GLU A 227 -0.45 -12.05 -13.83
CA GLU A 227 -0.54 -13.17 -12.92
C GLU A 227 -0.42 -14.50 -13.64
N THR A 228 -1.23 -14.73 -14.67
CA THR A 228 -1.20 -16.02 -15.37
C THR A 228 -0.05 -16.16 -16.39
N ARG A 229 0.29 -15.06 -17.05
CA ARG A 229 1.30 -15.04 -18.10
C ARG A 229 2.75 -15.03 -17.56
N ILE A 230 2.96 -14.38 -16.42
CA ILE A 230 4.31 -14.07 -15.96
C ILE A 230 4.63 -14.69 -14.59
N LEU A 231 3.73 -14.47 -13.63
CA LEU A 231 3.95 -14.83 -12.22
C LEU A 231 3.77 -16.32 -11.99
N THR A 232 2.63 -16.88 -12.44
CA THR A 232 2.37 -18.30 -12.29
C THR A 232 3.49 -19.20 -12.83
N PRO A 233 3.97 -18.93 -14.07
CA PRO A 233 5.13 -19.68 -14.56
C PRO A 233 6.39 -19.61 -13.65
N ALA A 234 6.67 -18.44 -13.07
CA ALA A 234 7.80 -18.31 -12.13
C ALA A 234 7.55 -19.06 -10.83
N ILE A 235 6.33 -18.99 -10.29
CA ILE A 235 5.96 -19.73 -9.09
C ILE A 235 6.12 -21.24 -9.31
N THR A 236 5.54 -21.73 -10.40
CA THR A 236 5.53 -23.13 -10.73
C THR A 236 6.95 -23.63 -10.96
N ASP A 237 7.72 -22.91 -11.77
CA ASP A 237 9.12 -23.25 -11.94
C ASP A 237 9.85 -23.29 -10.61
N ALA A 238 9.53 -22.39 -9.68
CA ALA A 238 10.26 -22.34 -8.42
C ALA A 238 9.88 -23.45 -7.43
N ARG A 239 8.63 -23.86 -7.44
CA ARG A 239 8.20 -24.99 -6.61
C ARG A 239 8.88 -26.29 -7.04
N ALA A 240 9.04 -26.43 -8.36
CA ALA A 240 9.59 -27.66 -8.94
C ALA A 240 11.07 -27.79 -8.61
N LYS A 241 11.64 -26.68 -8.14
CA LYS A 241 13.03 -26.53 -7.79
C LYS A 241 13.21 -26.64 -6.26
N GLY A 242 12.11 -26.88 -5.55
CA GLY A 242 12.13 -27.22 -4.12
C GLY A 242 11.80 -26.09 -3.17
N MSE A 243 11.42 -24.94 -3.72
CA MSE A 243 11.06 -23.75 -2.93
C MSE A 243 9.60 -23.75 -2.50
O MSE A 243 8.71 -24.12 -3.29
CB MSE A 243 11.42 -22.48 -3.70
CG MSE A 243 12.87 -22.49 -4.12
SE MSE A 243 13.43 -20.96 -5.19
CE MSE A 243 15.23 -21.59 -5.71
N ASP A 244 9.37 -23.38 -1.25
CA ASP A 244 8.04 -23.31 -0.68
C ASP A 244 7.49 -21.93 -1.00
N VAL A 245 6.96 -21.78 -2.22
CA VAL A 245 6.49 -20.49 -2.70
C VAL A 245 5.00 -20.51 -3.13
N TYR A 246 4.28 -19.43 -2.79
CA TYR A 246 2.83 -19.34 -2.95
C TYR A 246 2.44 -18.09 -3.72
N GLY A 247 1.21 -18.06 -4.19
CA GLY A 247 0.74 -16.97 -5.00
C GLY A 247 0.48 -17.32 -6.47
N PRO A 248 0.13 -16.32 -7.30
CA PRO A 248 0.05 -14.89 -6.93
C PRO A 248 -1.03 -14.57 -5.90
N CYS A 249 -0.72 -13.75 -4.90
CA CYS A 249 -1.71 -13.43 -3.87
C CYS A 249 -2.25 -12.03 -4.07
N PRO A 250 -3.50 -11.78 -3.61
CA PRO A 250 -4.06 -10.42 -3.68
C PRO A 250 -3.17 -9.41 -2.95
N PRO A 251 -2.73 -8.37 -3.65
CA PRO A 251 -1.85 -7.42 -2.95
C PRO A 251 -2.42 -6.88 -1.61
N ASP A 252 -3.71 -6.64 -1.53
CA ASP A 252 -4.27 -6.04 -0.33
C ASP A 252 -4.48 -6.97 0.87
N THR A 253 -4.16 -8.25 0.75
CA THR A 253 -4.18 -9.15 1.90
C THR A 253 -2.84 -9.86 2.16
N VAL A 254 -1.95 -9.88 1.16
CA VAL A 254 -0.73 -10.69 1.25
C VAL A 254 0.23 -10.21 2.35
N PHE A 255 0.42 -8.91 2.45
CA PHE A 255 1.34 -8.32 3.44
C PHE A 255 0.76 -8.43 4.86
N LEU A 256 -0.56 -8.38 4.96
CA LEU A 256 -1.28 -8.60 6.20
C LEU A 256 -1.06 -10.04 6.67
N GLN A 257 -1.17 -10.98 5.76
CA GLN A 257 -0.98 -12.39 6.09
C GLN A 257 0.43 -12.76 6.50
N ALA A 258 1.43 -12.21 5.81
CA ALA A 258 2.82 -12.39 6.20
C ALA A 258 3.06 -11.73 7.55
N TYR A 259 2.51 -10.51 7.72
CA TYR A 259 2.59 -9.82 9.01
C TYR A 259 2.08 -10.71 10.14
N GLU A 260 0.96 -11.39 9.87
CA GLU A 260 0.29 -12.27 10.83
C GLU A 260 0.98 -13.63 10.99
N GLY A 261 2.07 -13.84 10.25
CA GLY A 261 2.91 -15.03 10.42
C GLY A 261 2.67 -16.21 9.48
N GLN A 262 1.86 -16.01 8.43
CA GLN A 262 1.64 -17.05 7.41
C GLN A 262 2.79 -17.24 6.41
N TYR A 263 3.63 -16.21 6.24
CA TYR A 263 4.78 -16.25 5.33
C TYR A 263 5.99 -15.60 5.98
N ASP A 264 7.18 -16.01 5.55
CA ASP A 264 8.41 -15.46 6.07
C ASP A 264 8.83 -14.21 5.31
N MSE A 265 8.34 -14.09 4.07
CA MSE A 265 8.65 -13.00 3.20
C MSE A 265 7.63 -12.89 2.06
O MSE A 265 7.09 -13.90 1.60
CB MSE A 265 10.06 -13.16 2.63
CG MSE A 265 10.48 -12.02 1.72
SE MSE A 265 12.38 -12.03 1.26
CE MSE A 265 13.10 -11.04 2.81
N VAL A 266 7.39 -11.65 1.61
CA VAL A 266 6.56 -11.35 0.46
C VAL A 266 7.43 -10.83 -0.69
N VAL A 267 7.24 -11.38 -1.89
CA VAL A 267 7.79 -10.79 -3.11
C VAL A 267 6.81 -9.73 -3.58
N ALA A 268 7.12 -8.46 -3.27
CA ALA A 268 6.37 -7.31 -3.84
C ALA A 268 6.75 -7.08 -5.30
N MSE A 269 5.82 -6.52 -6.05
CA MSE A 269 6.00 -6.34 -7.48
C MSE A 269 6.70 -5.04 -7.84
O MSE A 269 7.66 -5.03 -8.61
CB MSE A 269 4.64 -6.43 -8.18
CG MSE A 269 4.15 -7.86 -8.41
SE MSE A 269 5.36 -9.03 -9.46
CE MSE A 269 5.92 -10.26 -8.06
N TYR A 270 6.21 -3.93 -7.27
CA TYR A 270 6.72 -2.60 -7.55
C TYR A 270 6.99 -1.91 -6.23
N HIS A 271 7.79 -0.85 -6.31
CA HIS A 271 8.19 -0.07 -5.16
C HIS A 271 7.10 0.14 -4.07
N ASP A 272 6.03 0.83 -4.42
CA ASP A 272 5.02 1.24 -3.43
C ASP A 272 4.24 0.06 -2.87
N GLN A 273 4.13 -1.01 -3.64
CA GLN A 273 3.44 -2.16 -3.17
C GLN A 273 4.12 -2.71 -1.89
N GLY A 274 5.45 -2.62 -1.82
CA GLY A 274 6.21 -3.08 -0.68
C GLY A 274 6.44 -2.00 0.38
N HIS A 275 6.70 -0.78 -0.06
CA HIS A 275 6.96 0.31 0.88
C HIS A 275 5.72 0.84 1.56
N ILE A 276 4.60 0.95 0.86
CA ILE A 276 3.36 1.35 1.57
C ILE A 276 3.14 0.53 2.87
N PRO A 277 3.01 -0.81 2.79
CA PRO A 277 2.76 -1.59 4.01
C PRO A 277 3.88 -1.51 5.07
N LEU A 278 5.15 -1.49 4.66
CA LEU A 278 6.24 -1.37 5.63
C LEU A 278 6.23 -0.09 6.43
N LYS A 279 5.98 1.04 5.77
CA LYS A 279 6.00 2.31 6.48
C LYS A 279 4.77 2.56 7.32
N LEU A 280 3.62 2.05 6.90
CA LEU A 280 2.40 2.23 7.63
C LEU A 280 2.39 1.59 9.02
N LEU A 281 3.12 0.49 9.19
CA LEU A 281 3.34 -0.09 10.52
C LEU A 281 4.47 0.62 11.31
N GLY A 282 4.47 0.41 12.62
CA GLY A 282 5.59 0.86 13.45
C GLY A 282 6.92 0.44 12.84
N TYR A 284 9.69 0.20 9.90
CA TYR A 284 10.69 0.77 9.00
C TYR A 284 11.57 1.84 9.66
N ASP A 285 12.87 1.78 9.39
CA ASP A 285 13.77 2.54 10.22
C ASP A 285 15.04 3.26 9.67
N GLY A 286 15.12 3.80 8.45
CA GLY A 286 14.53 3.33 7.22
C GLY A 286 15.75 2.81 6.47
N VAL A 287 15.97 1.52 6.58
CA VAL A 287 17.17 0.85 6.13
C VAL A 287 16.75 -0.20 5.11
N ASN A 288 17.61 -0.49 4.14
CA ASN A 288 17.35 -1.60 3.27
C ASN A 288 18.58 -2.47 3.02
N ILE A 289 18.30 -3.72 2.66
CA ILE A 289 19.32 -4.70 2.35
C ILE A 289 19.33 -4.89 0.85
N THR A 290 20.52 -4.92 0.26
CA THR A 290 20.64 -5.33 -1.11
C THR A 290 20.94 -6.81 -1.12
N ALA A 291 19.94 -7.61 -1.50
CA ALA A 291 20.10 -9.06 -1.53
C ALA A 291 20.60 -9.51 -2.89
N GLY A 292 21.37 -10.59 -2.91
CA GLY A 292 21.85 -11.16 -4.17
C GLY A 292 23.29 -10.86 -4.53
N LEU A 293 23.95 -10.02 -3.73
CA LEU A 293 25.40 -9.86 -3.79
C LEU A 293 26.08 -11.05 -3.06
N PRO A 294 27.41 -11.21 -3.20
CA PRO A 294 28.01 -12.36 -2.50
C PRO A 294 28.12 -12.16 -0.96
N PHE A 295 27.93 -10.93 -0.48
CA PHE A 295 27.86 -10.64 0.96
C PHE A 295 26.61 -9.82 1.21
N ILE A 296 26.25 -9.69 2.50
CA ILE A 296 25.14 -8.84 2.94
C ILE A 296 25.61 -7.40 2.81
N ARG A 297 24.75 -6.54 2.28
CA ARG A 297 25.03 -5.11 2.26
C ARG A 297 23.79 -4.38 2.69
N THR A 298 23.94 -3.40 3.60
CA THR A 298 22.84 -2.57 4.04
C THR A 298 23.16 -1.13 3.72
N SER A 299 22.14 -0.28 3.65
CA SER A 299 22.30 1.17 3.55
C SER A 299 21.02 1.80 4.09
N ALA A 300 21.03 3.11 4.29
CA ALA A 300 19.82 3.83 4.70
C ALA A 300 19.26 4.58 3.52
N ASP A 301 18.00 5.02 3.63
CA ASP A 301 17.31 5.60 2.47
C ASP A 301 17.56 7.11 2.24
N HIS A 302 18.24 7.78 3.14
CA HIS A 302 18.60 9.16 2.82
C HIS A 302 19.81 9.23 1.85
N GLY A 303 20.04 10.41 1.30
CA GLY A 303 21.17 10.63 0.46
C GLY A 303 22.26 11.36 1.21
N THR A 304 23.15 11.97 0.45
CA THR A 304 24.30 12.68 0.97
C THR A 304 23.95 13.94 1.77
N ALA A 305 22.73 14.46 1.57
CA ALA A 305 22.24 15.64 2.27
C ALA A 305 23.20 16.81 2.26
N PHE A 306 23.73 17.17 1.07
CA PHE A 306 24.73 18.22 0.93
C PHE A 306 24.33 19.57 1.58
N ASP A 307 23.03 19.82 1.69
CA ASP A 307 22.55 21.07 2.27
C ASP A 307 22.79 21.17 3.78
N ILE A 308 22.87 20.03 4.46
CA ILE A 308 23.13 20.03 5.90
C ILE A 308 24.43 19.35 6.31
N ALA A 309 25.16 18.81 5.35
CA ALA A 309 26.45 18.17 5.62
C ALA A 309 27.34 19.12 6.44
N TRP A 310 27.98 18.56 7.48
CA TRP A 310 28.98 19.25 8.33
C TRP A 310 28.42 20.38 9.19
N THR A 311 27.14 20.30 9.53
CA THR A 311 26.51 21.32 10.38
C THR A 311 26.08 20.77 11.75
N GLY A 312 26.33 19.48 11.98
CA GLY A 312 25.83 18.81 13.18
C GLY A 312 24.33 18.51 13.19
N LYS A 313 23.63 18.84 12.10
CA LYS A 313 22.17 18.59 12.02
C LYS A 313 21.74 17.17 11.55
N ALA A 314 22.61 16.49 10.81
CA ALA A 314 22.24 15.17 10.30
C ALA A 314 22.01 14.12 11.37
N LYS A 315 20.98 13.32 11.14
CA LYS A 315 20.62 12.26 12.07
C LYS A 315 21.32 10.96 11.75
N SER A 316 21.95 10.37 12.76
CA SER A 316 22.71 9.13 12.60
C SER A 316 21.91 7.86 12.94
N GLU A 317 20.62 8.02 13.21
CA GLU A 317 19.81 6.89 13.65
C GLU A 317 19.77 5.78 12.61
N SER A 318 19.54 6.14 11.37
CA SER A 318 19.36 5.07 10.41
C SER A 318 20.71 4.46 10.02
N MSE A 319 21.80 5.22 10.12
CA MSE A 319 23.13 4.71 9.81
C MSE A 319 23.49 3.65 10.83
O MSE A 319 23.99 2.58 10.49
CB MSE A 319 24.19 5.83 9.76
CG MSE A 319 25.60 5.35 9.34
SE MSE A 319 25.62 4.87 7.42
CE MSE A 319 26.50 3.19 7.50
N ALA A 320 23.19 3.95 12.09
CA ALA A 320 23.31 3.02 13.22
C ALA A 320 22.50 1.74 13.02
N VAL A 321 21.21 1.87 12.67
CA VAL A 321 20.35 0.73 12.43
C VAL A 321 20.94 -0.17 11.31
N SER A 322 21.45 0.49 10.26
CA SER A 322 21.95 -0.22 9.08
C SER A 322 23.25 -0.97 9.39
N ILE A 323 24.10 -0.37 10.26
CA ILE A 323 25.28 -1.06 10.79
C ILE A 323 24.97 -2.22 11.76
N LYS A 324 24.04 -2.03 12.70
CA LYS A 324 23.60 -3.14 13.57
C LYS A 324 22.98 -4.29 12.78
N LEU A 325 22.32 -3.94 11.67
CA LEU A 325 21.65 -4.93 10.82
C LEU A 325 22.67 -5.77 10.05
N ALA A 326 23.64 -5.11 9.46
CA ALA A 326 24.82 -5.80 8.91
C ALA A 326 25.41 -6.82 9.90
N MSE A 327 25.58 -6.41 11.16
CA MSE A 327 26.19 -7.27 12.17
C MSE A 327 25.35 -8.48 12.45
O MSE A 327 25.86 -9.56 12.47
CB MSE A 327 26.38 -6.51 13.47
CG MSE A 327 27.57 -5.64 13.45
SE MSE A 327 27.67 -4.56 15.08
CE MSE A 327 26.75 -3.03 14.42
N GLN A 328 24.07 -8.25 12.68
CA GLN A 328 23.08 -9.29 12.92
C GLN A 328 23.07 -10.36 11.83
N LEU A 329 23.10 -9.92 10.56
CA LEU A 329 22.90 -10.79 9.42
C LEU A 329 24.21 -11.33 8.86
N ALA A 330 25.33 -10.75 9.26
CA ALA A 330 26.64 -11.29 8.89
C ALA A 330 26.72 -12.72 9.36
N THR B 6 -34.32 13.12 12.45
CA THR B 6 -35.13 13.04 11.19
C THR B 6 -34.61 11.94 10.25
N LYS B 7 -33.42 12.17 9.70
CA LYS B 7 -32.78 11.29 8.68
C LYS B 7 -33.18 9.81 8.66
N THR B 8 -33.80 9.40 7.55
CA THR B 8 -34.28 8.03 7.33
C THR B 8 -33.46 7.38 6.21
N VAL B 9 -33.18 6.08 6.36
CA VAL B 9 -32.40 5.34 5.38
C VAL B 9 -33.23 4.25 4.71
N ALA B 10 -33.16 4.21 3.38
CA ALA B 10 -33.77 3.15 2.60
C ALA B 10 -32.76 2.03 2.39
N ILE B 11 -33.22 0.80 2.60
CA ILE B 11 -32.42 -0.39 2.32
C ILE B 11 -33.04 -1.15 1.14
N THR B 12 -32.21 -1.46 0.14
CA THR B 12 -32.67 -2.21 -1.02
C THR B 12 -32.39 -3.71 -0.83
N MSE B 13 -33.32 -4.52 -1.34
CA MSE B 13 -33.25 -5.96 -1.23
C MSE B 13 -32.11 -6.58 -2.07
O MSE B 13 -31.50 -7.59 -1.69
CB MSE B 13 -34.58 -6.57 -1.63
CG MSE B 13 -34.71 -8.04 -1.24
SE MSE B 13 -36.54 -8.72 -1.46
CE MSE B 13 -36.67 -8.75 -3.39
N GLY B 14 -31.86 -5.97 -3.23
CA GLY B 14 -31.03 -6.59 -4.24
C GLY B 14 -31.78 -7.74 -4.87
N ASP B 15 -31.01 -8.68 -5.41
CA ASP B 15 -31.55 -9.91 -5.98
C ASP B 15 -32.09 -10.76 -4.85
N PRO B 16 -33.41 -11.06 -4.89
CA PRO B 16 -34.07 -11.82 -3.83
C PRO B 16 -33.59 -13.28 -3.74
N ALA B 17 -33.09 -13.82 -4.85
CA ALA B 17 -32.55 -15.20 -4.90
C ALA B 17 -31.26 -15.32 -4.13
N GLY B 18 -30.49 -14.22 -4.09
CA GLY B 18 -29.23 -14.14 -3.33
C GLY B 18 -29.43 -13.92 -1.84
N ILE B 19 -28.40 -13.35 -1.19
CA ILE B 19 -28.35 -13.28 0.28
C ILE B 19 -28.91 -11.98 0.85
N GLY B 20 -29.21 -11.03 -0.03
CA GLY B 20 -29.79 -9.73 0.33
C GLY B 20 -30.89 -9.81 1.36
N PRO B 21 -32.01 -10.48 1.03
CA PRO B 21 -33.15 -10.63 1.95
C PRO B 21 -32.76 -11.18 3.34
N GLU B 22 -32.04 -12.28 3.34
CA GLU B 22 -31.47 -12.96 4.49
C GLU B 22 -30.75 -12.01 5.43
N ILE B 23 -29.75 -11.31 4.90
CA ILE B 23 -28.83 -10.52 5.72
C ILE B 23 -29.43 -9.16 6.14
N ILE B 24 -30.33 -8.63 5.33
CA ILE B 24 -31.10 -7.43 5.69
C ILE B 24 -31.87 -7.73 6.98
N VAL B 25 -32.65 -8.81 6.97
CA VAL B 25 -33.39 -9.25 8.18
C VAL B 25 -32.48 -9.46 9.42
N LYS B 26 -31.37 -10.20 9.25
CA LYS B 26 -30.44 -10.47 10.35
C LYS B 26 -29.84 -9.18 10.92
N ALA B 27 -29.29 -8.35 10.04
CA ALA B 27 -28.63 -7.10 10.45
C ALA B 27 -29.59 -6.14 11.18
N LEU B 28 -30.83 -6.07 10.70
CA LEU B 28 -31.84 -5.21 11.31
C LEU B 28 -32.30 -5.70 12.69
N SER B 29 -31.90 -6.93 13.05
CA SER B 29 -32.17 -7.46 14.39
C SER B 29 -31.12 -7.01 15.42
N GLU B 30 -29.98 -6.54 14.91
CA GLU B 30 -28.89 -6.04 15.75
C GLU B 30 -29.27 -4.79 16.54
N ASP B 31 -28.59 -4.59 17.67
CA ASP B 31 -28.68 -3.33 18.44
C ASP B 31 -28.15 -2.18 17.58
N GLY B 32 -28.85 -1.04 17.66
CA GLY B 32 -28.53 0.12 16.83
C GLY B 32 -29.39 0.19 15.58
N LEU B 33 -29.66 -0.97 14.99
CA LEU B 33 -30.47 -1.06 13.77
C LEU B 33 -31.91 -1.47 14.06
N ASN B 34 -32.08 -2.25 15.13
CA ASN B 34 -33.40 -2.69 15.59
C ASN B 34 -34.26 -1.50 16.01
N GLY B 35 -35.33 -1.25 15.26
CA GLY B 35 -36.21 -0.10 15.53
C GLY B 35 -35.73 1.27 15.10
N ALA B 36 -34.54 1.34 14.47
CA ALA B 36 -33.97 2.57 13.89
C ALA B 36 -34.80 3.05 12.69
N PRO B 37 -34.70 4.35 12.32
CA PRO B 37 -35.42 4.89 11.13
C PRO B 37 -34.98 4.28 9.80
N LEU B 38 -35.53 3.11 9.49
CA LEU B 38 -35.18 2.28 8.34
C LEU B 38 -36.41 1.77 7.59
N VAL B 39 -36.34 1.88 6.27
CA VAL B 39 -37.42 1.43 5.40
C VAL B 39 -36.80 0.44 4.42
N VAL B 40 -37.30 -0.79 4.39
CA VAL B 40 -36.80 -1.76 3.42
C VAL B 40 -37.65 -1.66 2.18
N ILE B 41 -37.00 -1.60 1.02
CA ILE B 41 -37.76 -1.70 -0.20
C ILE B 41 -37.44 -2.98 -0.95
N GLY B 42 -38.45 -3.86 -0.94
CA GLY B 42 -38.36 -5.19 -1.52
C GLY B 42 -39.75 -5.83 -1.51
N CYS B 43 -39.78 -7.09 -1.92
CA CYS B 43 -40.99 -7.89 -2.00
C CYS B 43 -41.39 -8.43 -0.63
N LEU B 44 -42.46 -7.86 -0.08
CA LEU B 44 -43.02 -8.26 1.23
C LEU B 44 -43.27 -9.76 1.26
N ALA B 45 -43.83 -10.27 0.15
CA ALA B 45 -44.17 -11.66 0.02
C ALA B 45 -42.96 -12.60 0.15
N THR B 46 -41.80 -12.19 -0.36
CA THR B 46 -40.60 -13.03 -0.27
C THR B 46 -39.95 -12.93 1.11
N LEU B 47 -40.08 -11.76 1.74
CA LEU B 47 -39.62 -11.61 3.12
C LEU B 47 -40.48 -12.48 4.04
N LYS B 48 -41.77 -12.57 3.72
CA LYS B 48 -42.68 -13.49 4.39
C LYS B 48 -42.21 -14.94 4.22
N ARG B 49 -41.98 -15.34 2.97
CA ARG B 49 -41.44 -16.67 2.69
C ARG B 49 -40.15 -16.98 3.45
N LEU B 50 -39.23 -16.00 3.50
CA LEU B 50 -37.96 -16.10 4.24
C LEU B 50 -38.21 -16.41 5.71
N GLN B 51 -39.15 -15.67 6.30
CA GLN B 51 -39.51 -15.79 7.71
C GLN B 51 -40.01 -17.16 8.10
N ALA B 52 -40.79 -17.77 7.21
CA ALA B 52 -41.37 -19.08 7.43
C ALA B 52 -40.33 -20.20 7.48
N LYS B 53 -39.13 -19.94 6.94
CA LYS B 53 -38.10 -20.96 6.80
C LYS B 53 -37.22 -21.14 8.04
N GLY B 54 -37.42 -20.27 9.04
CA GLY B 54 -36.68 -20.32 10.30
C GLY B 54 -35.17 -20.18 10.18
N ILE B 55 -34.73 -19.26 9.33
CA ILE B 55 -33.29 -19.04 9.08
C ILE B 55 -32.83 -17.67 9.61
N THR B 56 -33.79 -16.95 10.18
CA THR B 56 -33.56 -15.62 10.72
C THR B 56 -34.24 -15.48 12.09
N PRO B 57 -33.89 -14.42 12.84
CA PRO B 57 -34.71 -14.03 14.00
C PRO B 57 -36.16 -13.78 13.58
N ASN B 58 -37.11 -13.88 14.51
CA ASN B 58 -38.49 -13.51 14.20
C ASN B 58 -38.75 -12.02 14.42
N VAL B 59 -39.43 -11.43 13.45
CA VAL B 59 -39.71 -9.99 13.41
C VAL B 59 -41.06 -9.72 12.73
N GLU B 60 -41.76 -8.69 13.18
CA GLU B 60 -42.99 -8.27 12.52
C GLU B 60 -42.68 -7.36 11.34
N LEU B 61 -43.33 -7.63 10.21
CA LEU B 61 -43.15 -6.84 9.00
C LEU B 61 -44.37 -5.94 8.79
N ARG B 62 -44.14 -4.69 8.44
CA ARG B 62 -45.26 -3.77 8.22
C ARG B 62 -45.19 -3.10 6.86
N ALA B 63 -46.17 -3.38 6.01
CA ALA B 63 -46.30 -2.74 4.70
C ALA B 63 -46.65 -1.23 4.80
N ILE B 64 -45.82 -0.38 4.21
CA ILE B 64 -46.11 1.04 4.08
C ILE B 64 -46.03 1.49 2.62
N GLU B 65 -46.89 2.40 2.21
CA GLU B 65 -46.85 2.91 0.82
C GLU B 65 -46.02 4.16 0.77
N ARG B 66 -46.01 4.89 1.89
CA ARG B 66 -45.28 6.13 2.02
C ARG B 66 -44.40 6.08 3.27
N VAL B 67 -43.22 6.70 3.18
CA VAL B 67 -42.26 6.76 4.29
C VAL B 67 -42.86 7.41 5.55
N ALA B 68 -43.65 8.47 5.38
CA ALA B 68 -44.30 9.17 6.49
C ALA B 68 -45.29 8.30 7.29
N GLU B 69 -45.59 7.10 6.76
CA GLU B 69 -46.48 6.13 7.41
C GLU B 69 -45.73 5.27 8.45
N ALA B 70 -44.41 5.20 8.29
CA ALA B 70 -43.58 4.35 9.13
C ALA B 70 -43.67 4.81 10.56
N ARG B 71 -43.70 3.83 11.45
CA ARG B 71 -43.81 4.07 12.88
C ARG B 71 -42.73 3.21 13.55
N PHE B 72 -41.56 3.79 13.81
CA PHE B 72 -40.38 3.01 14.16
C PHE B 72 -40.38 2.50 15.60
N ALA B 73 -40.20 1.18 15.73
CA ALA B 73 -40.20 0.52 17.03
C ALA B 73 -39.39 -0.78 16.93
N PRO B 74 -38.81 -1.23 18.07
CA PRO B 74 -38.03 -2.48 18.04
C PRO B 74 -38.89 -3.69 17.68
N GLY B 75 -38.33 -4.59 16.88
CA GLY B 75 -39.04 -5.78 16.44
C GLY B 75 -40.02 -5.57 15.30
N ILE B 76 -40.05 -4.38 14.70
CA ILE B 76 -40.82 -4.16 13.45
C ILE B 76 -39.94 -3.62 12.29
N ILE B 77 -39.89 -4.37 11.18
CA ILE B 77 -39.27 -3.86 9.96
C ILE B 77 -40.35 -3.35 8.99
N HIS B 78 -40.23 -2.10 8.60
CA HIS B 78 -41.15 -1.48 7.66
C HIS B 78 -40.70 -1.75 6.22
N VAL B 79 -41.61 -2.26 5.40
CA VAL B 79 -41.30 -2.57 4.01
C VAL B 79 -42.14 -1.70 3.07
N ILE B 80 -41.50 -1.08 2.08
CA ILE B 80 -42.22 -0.57 0.91
C ILE B 80 -42.33 -1.67 -0.15
N ASP B 81 -43.48 -2.34 -0.17
CA ASP B 81 -43.75 -3.48 -1.03
C ASP B 81 -43.53 -3.25 -2.54
N GLU B 82 -42.30 -3.50 -2.98
CA GLU B 82 -42.01 -3.59 -4.41
C GLU B 82 -41.99 -5.09 -4.76
N PRO B 83 -43.11 -5.59 -5.36
CA PRO B 83 -43.37 -7.02 -5.42
C PRO B 83 -42.68 -7.77 -6.57
N LEU B 84 -42.40 -9.05 -6.32
CA LEU B 84 -41.87 -9.96 -7.33
C LEU B 84 -43.05 -10.35 -8.20
N ALA B 85 -42.87 -10.40 -9.52
CA ALA B 85 -43.96 -10.75 -10.44
C ALA B 85 -44.66 -12.05 -10.03
N GLN B 86 -43.85 -13.01 -9.58
CA GLN B 86 -44.32 -14.35 -9.18
C GLN B 86 -43.57 -14.83 -7.94
N PRO B 87 -43.98 -14.38 -6.74
CA PRO B 87 -43.23 -14.69 -5.52
C PRO B 87 -43.04 -16.17 -5.21
N GLU B 88 -44.06 -17.00 -5.45
CA GLU B 88 -43.98 -18.44 -5.14
C GLU B 88 -43.03 -19.22 -6.06
N ALA B 89 -42.75 -18.66 -7.24
CA ALA B 89 -41.93 -19.34 -8.24
C ALA B 89 -40.42 -19.08 -8.07
N LEU B 90 -40.06 -18.27 -7.08
CA LEU B 90 -38.66 -17.93 -6.81
C LEU B 90 -37.88 -19.12 -6.26
N GLU B 91 -36.78 -19.44 -6.92
CA GLU B 91 -35.82 -20.43 -6.43
C GLU B 91 -34.55 -19.72 -5.96
N ALA B 92 -33.94 -20.28 -4.91
CA ALA B 92 -32.73 -19.76 -4.30
C ALA B 92 -31.49 -20.02 -5.18
N GLY B 93 -30.57 -19.06 -5.18
CA GLY B 93 -29.30 -19.17 -5.90
C GLY B 93 -29.40 -19.45 -7.40
N LYS B 94 -30.48 -18.98 -8.02
CA LYS B 94 -30.69 -19.16 -9.46
C LYS B 94 -30.82 -17.81 -10.14
N VAL B 95 -30.28 -17.71 -11.36
CA VAL B 95 -30.44 -16.50 -12.18
C VAL B 95 -31.85 -16.49 -12.77
N GLN B 96 -32.67 -15.55 -12.29
CA GLN B 96 -34.07 -15.46 -12.66
C GLN B 96 -34.38 -14.06 -13.15
N ALA B 97 -35.11 -13.96 -14.27
CA ALA B 97 -35.47 -12.68 -14.86
C ALA B 97 -36.26 -11.80 -13.89
N GLN B 98 -37.25 -12.39 -13.21
CA GLN B 98 -38.05 -11.64 -12.25
C GLN B 98 -37.24 -11.11 -11.05
N ALA B 99 -36.21 -11.86 -10.66
CA ALA B 99 -35.34 -11.51 -9.53
C ALA B 99 -34.46 -10.29 -9.84
N GLY B 100 -33.89 -10.27 -11.05
CA GLY B 100 -33.13 -9.11 -11.51
C GLY B 100 -34.00 -7.88 -11.76
N ASP B 101 -35.20 -8.09 -12.27
CA ASP B 101 -36.14 -6.99 -12.47
C ASP B 101 -36.57 -6.37 -11.15
N LEU B 102 -36.82 -7.22 -10.15
CA LEU B 102 -37.07 -6.72 -8.79
C LEU B 102 -35.88 -5.95 -8.23
N ALA B 103 -34.67 -6.48 -8.41
CA ALA B 103 -33.48 -5.79 -7.94
C ALA B 103 -33.44 -4.39 -8.52
N TYR B 104 -33.81 -4.26 -9.78
CA TYR B 104 -33.75 -2.99 -10.48
C TYR B 104 -34.80 -1.99 -9.97
N ARG B 105 -36.03 -2.47 -9.76
CA ARG B 105 -37.12 -1.62 -9.30
C ARG B 105 -36.91 -1.10 -7.87
N CYS B 106 -36.28 -1.90 -7.02
CA CYS B 106 -35.95 -1.49 -5.66
C CYS B 106 -34.95 -0.34 -5.64
N VAL B 107 -33.96 -0.44 -6.51
CA VAL B 107 -32.91 0.55 -6.61
C VAL B 107 -33.57 1.83 -7.12
N LYS B 108 -34.33 1.71 -8.21
CA LYS B 108 -35.03 2.82 -8.84
C LYS B 108 -35.92 3.54 -7.82
N ARG B 109 -36.66 2.73 -7.08
CA ARG B 109 -37.54 3.22 -6.05
C ARG B 109 -36.81 3.91 -4.90
N ALA B 110 -35.69 3.35 -4.45
CA ALA B 110 -34.94 3.99 -3.37
C ALA B 110 -34.41 5.34 -3.79
N THR B 111 -33.88 5.40 -5.01
CA THR B 111 -33.28 6.63 -5.54
C THR B 111 -34.32 7.77 -5.69
N GLU B 112 -35.50 7.42 -6.21
CA GLU B 112 -36.65 8.33 -6.25
C GLU B 112 -36.98 8.93 -4.86
N LEU B 113 -36.96 8.11 -3.81
CA LEU B 113 -37.28 8.57 -2.46
C LEU B 113 -36.16 9.47 -1.94
N ALA B 114 -34.94 9.09 -2.27
CA ALA B 114 -33.74 9.81 -1.82
C ALA B 114 -33.65 11.15 -2.53
N LEU B 115 -33.68 11.11 -3.87
CA LEU B 115 -33.71 12.29 -4.70
C LEU B 115 -34.77 13.27 -4.21
N ARG B 116 -35.90 12.74 -3.77
CA ARG B 116 -37.02 13.55 -3.30
C ARG B 116 -36.86 14.02 -1.85
N GLY B 117 -36.10 13.30 -1.05
CA GLY B 117 -35.92 13.69 0.34
C GLY B 117 -36.83 12.93 1.28
N ASP B 118 -37.55 11.95 0.73
CA ASP B 118 -38.33 11.03 1.57
C ASP B 118 -37.41 10.19 2.47
N VAL B 119 -36.27 9.78 1.93
CA VAL B 119 -35.15 9.23 2.72
C VAL B 119 -33.89 10.07 2.52
N GLN B 120 -32.92 9.92 3.43
CA GLN B 120 -31.66 10.70 3.36
C GLN B 120 -30.42 9.92 2.92
N ALA B 121 -30.50 8.59 2.98
CA ALA B 121 -29.40 7.72 2.52
C ALA B 121 -29.93 6.36 2.08
N ILE B 122 -29.15 5.65 1.25
CA ILE B 122 -29.47 4.31 0.80
C ILE B 122 -28.33 3.37 1.22
N ALA B 123 -28.65 2.19 1.74
CA ALA B 123 -27.70 1.10 1.96
C ALA B 123 -28.17 -0.07 1.11
N THR B 124 -27.33 -0.57 0.20
CA THR B 124 -27.76 -1.61 -0.73
C THR B 124 -27.31 -3.01 -0.36
N ALA B 125 -28.17 -3.98 -0.64
CA ALA B 125 -27.80 -5.38 -0.61
C ALA B 125 -27.42 -5.78 -2.03
N PRO B 126 -26.55 -6.80 -2.19
CA PRO B 126 -26.00 -7.13 -3.50
C PRO B 126 -27.02 -7.59 -4.54
N LEU B 127 -26.70 -7.39 -5.81
CA LEU B 127 -27.53 -7.89 -6.90
C LEU B 127 -26.72 -8.70 -7.91
N ASN B 128 -27.42 -9.34 -8.82
CA ASN B 128 -26.83 -10.21 -9.82
C ASN B 128 -26.93 -9.57 -11.19
N LYS B 129 -25.77 -9.29 -11.78
CA LYS B 129 -25.67 -8.56 -13.02
C LYS B 129 -26.24 -9.39 -14.18
N GLU B 130 -25.91 -10.69 -14.20
CA GLU B 130 -26.47 -11.63 -15.17
C GLU B 130 -27.99 -11.63 -15.09
N ALA B 131 -28.52 -11.73 -13.88
CA ALA B 131 -29.98 -11.68 -13.68
C ALA B 131 -30.60 -10.32 -14.08
N LEU B 132 -29.85 -9.25 -13.91
CA LEU B 132 -30.30 -7.92 -14.28
C LEU B 132 -30.42 -7.73 -15.79
N HIS B 133 -29.43 -8.23 -16.53
CA HIS B 133 -29.43 -8.18 -18.00
C HIS B 133 -30.48 -9.06 -18.64
N LEU B 134 -30.73 -10.21 -18.02
CA LEU B 134 -31.79 -11.12 -18.48
C LEU B 134 -33.17 -10.48 -18.34
N ALA B 135 -33.36 -9.64 -17.32
CA ALA B 135 -34.61 -8.89 -17.14
C ALA B 135 -34.75 -7.69 -18.08
N GLY B 136 -33.69 -7.45 -18.86
CA GLY B 136 -33.70 -6.43 -19.91
C GLY B 136 -33.08 -5.11 -19.51
N HIS B 137 -32.50 -5.09 -18.31
CA HIS B 137 -31.91 -3.87 -17.76
C HIS B 137 -30.42 -3.89 -18.04
N ASN B 138 -30.00 -3.14 -19.04
CA ASN B 138 -28.61 -3.19 -19.46
C ASN B 138 -27.73 -2.19 -18.72
N TYR B 139 -27.22 -2.63 -17.56
CA TYR B 139 -26.28 -1.84 -16.76
C TYR B 139 -25.13 -2.72 -16.35
N PRO B 140 -23.90 -2.17 -16.36
CA PRO B 140 -22.65 -2.88 -16.04
C PRO B 140 -22.59 -3.37 -14.59
N GLY B 141 -23.42 -2.81 -13.73
CA GLY B 141 -23.39 -3.22 -12.34
C GLY B 141 -24.23 -2.32 -11.47
N HIS B 142 -24.29 -2.71 -10.20
CA HIS B 142 -25.01 -2.03 -9.13
C HIS B 142 -24.78 -0.51 -9.10
N THR B 143 -23.50 -0.12 -9.07
CA THR B 143 -23.09 1.26 -8.93
C THR B 143 -23.40 2.12 -10.15
N GLU B 144 -23.24 1.56 -11.34
CA GLU B 144 -23.50 2.27 -12.62
C GLU B 144 -25.00 2.51 -12.81
N LEU B 145 -25.77 1.50 -12.37
CA LEU B 145 -27.23 1.59 -12.32
C LEU B 145 -27.66 2.87 -11.59
N LEU B 146 -27.22 3.02 -10.34
CA LEU B 146 -27.48 4.22 -9.56
C LEU B 146 -27.02 5.52 -10.20
N ALA B 147 -25.82 5.53 -10.78
CA ALA B 147 -25.28 6.73 -11.36
C ALA B 147 -26.23 7.24 -12.46
N THR B 148 -26.71 6.28 -13.25
CA THR B 148 -27.65 6.52 -14.34
C THR B 148 -29.00 7.03 -13.83
N LEU B 149 -29.57 6.33 -12.84
CA LEU B 149 -30.91 6.64 -12.31
C LEU B 149 -30.92 8.02 -11.68
N THR B 150 -29.72 8.46 -11.32
CA THR B 150 -29.53 9.63 -10.50
C THR B 150 -28.84 10.79 -11.27
N HIS B 151 -28.62 10.54 -12.56
CA HIS B 151 -28.02 11.50 -13.50
C HIS B 151 -26.66 12.02 -13.06
N SER B 152 -25.87 11.13 -12.47
CA SER B 152 -24.53 11.48 -11.98
C SER B 152 -23.48 10.82 -12.85
N ARG B 153 -22.84 11.64 -13.68
CA ARG B 153 -21.74 11.21 -14.57
C ARG B 153 -20.54 10.70 -13.78
N ASP B 154 -20.29 11.33 -12.63
CA ASP B 154 -19.09 11.12 -11.86
C ASP B 154 -19.39 10.66 -10.44
N TYR B 155 -18.66 9.64 -10.01
CA TYR B 155 -18.76 9.14 -8.67
C TYR B 155 -17.40 8.49 -8.37
N ALA B 156 -17.17 8.13 -7.11
CA ALA B 156 -15.92 7.46 -6.74
C ALA B 156 -16.14 6.73 -5.44
N MSE B 157 -15.37 5.66 -5.26
CA MSE B 157 -15.47 4.86 -4.04
C MSE B 157 -14.66 5.45 -2.89
O MSE B 157 -13.49 5.80 -3.04
CB MSE B 157 -15.04 3.43 -4.29
CG MSE B 157 -15.04 2.63 -3.00
SE MSE B 157 -14.31 0.84 -3.13
CE MSE B 157 -15.57 0.08 -4.47
N VAL B 158 -15.31 5.53 -1.74
CA VAL B 158 -14.74 6.05 -0.50
C VAL B 158 -14.63 4.92 0.50
N LEU B 159 -13.44 4.76 1.08
CA LEU B 159 -13.29 3.93 2.30
C LEU B 159 -13.20 4.87 3.51
N TYR B 160 -14.09 4.66 4.49
CA TYR B 160 -14.35 5.62 5.56
C TYR B 160 -14.12 5.02 6.95
N THR B 161 -13.07 5.48 7.61
CA THR B 161 -12.85 5.12 9.02
C THR B 161 -12.61 6.40 9.78
N ASP B 162 -12.49 6.33 11.10
CA ASP B 162 -12.32 7.53 11.89
C ASP B 162 -10.96 8.18 11.65
N LYS B 163 -9.91 7.38 11.47
CA LYS B 163 -8.55 7.92 11.37
C LYS B 163 -8.03 7.98 9.94
N LEU B 164 -8.56 7.14 9.05
CA LEU B 164 -8.11 7.08 7.66
C LEU B 164 -9.26 7.02 6.69
N LYS B 165 -9.29 7.97 5.76
CA LYS B 165 -10.34 8.06 4.77
C LYS B 165 -9.68 8.24 3.39
N VAL B 166 -10.20 7.51 2.41
CA VAL B 166 -9.58 7.38 1.13
C VAL B 166 -10.65 7.36 0.05
N ILE B 167 -10.43 8.11 -0.99
CA ILE B 167 -11.30 8.09 -2.16
C ILE B 167 -10.42 7.67 -3.32
N HIS B 168 -10.98 6.97 -4.31
CA HIS B 168 -10.22 6.35 -5.38
C HIS B 168 -10.53 6.95 -6.72
N VAL B 169 -9.47 7.28 -7.46
CA VAL B 169 -9.63 7.64 -8.86
C VAL B 169 -10.18 6.45 -9.64
N SER B 170 -9.68 5.26 -9.35
CA SER B 170 -10.25 4.03 -9.91
C SER B 170 -10.22 2.85 -8.95
N THR B 171 -11.04 1.83 -9.20
CA THR B 171 -11.07 0.59 -8.39
C THR B 171 -11.16 -0.66 -9.26
N HIS B 172 -10.87 -1.81 -8.63
CA HIS B 172 -11.04 -3.15 -9.24
C HIS B 172 -10.19 -3.44 -10.48
N ILE B 173 -10.12 -2.48 -11.40
CA ILE B 173 -9.50 -2.70 -12.70
C ILE B 173 -8.01 -3.04 -12.63
N ALA B 174 -7.51 -3.72 -13.67
CA ALA B 174 -6.09 -4.02 -13.83
C ALA B 174 -5.27 -2.75 -13.75
N LEU B 175 -4.00 -2.88 -13.35
CA LEU B 175 -3.08 -1.75 -13.28
C LEU B 175 -2.91 -1.04 -14.63
N ARG B 176 -2.67 -1.82 -15.68
CA ARG B 176 -2.53 -1.29 -17.02
C ARG B 176 -3.77 -0.50 -17.45
N LYS B 177 -4.95 -1.00 -17.12
CA LYS B 177 -6.22 -0.35 -17.53
C LYS B 177 -6.32 0.97 -16.81
N PHE B 178 -6.01 0.93 -15.51
CA PHE B 178 -5.95 2.12 -14.71
C PHE B 178 -4.98 3.17 -15.31
N LEU B 179 -3.77 2.74 -15.67
CA LEU B 179 -2.80 3.69 -16.21
C LEU B 179 -3.33 4.31 -17.48
N ASP B 180 -3.77 3.47 -18.40
CA ASP B 180 -4.24 3.90 -19.71
C ASP B 180 -5.50 4.78 -19.72
N THR B 181 -6.33 4.73 -18.68
CA THR B 181 -7.56 5.50 -18.65
C THR B 181 -7.52 6.64 -17.63
N LEU B 182 -6.33 6.93 -17.09
CA LEU B 182 -6.14 8.04 -16.16
C LEU B 182 -6.08 9.39 -16.89
N SER B 183 -6.72 10.42 -16.34
CA SER B 183 -6.70 11.75 -16.95
C SER B 183 -6.76 12.85 -15.91
N THR B 184 -6.30 14.05 -16.29
CA THR B 184 -6.38 15.24 -15.42
C THR B 184 -7.82 15.48 -15.05
N ALA B 185 -8.69 15.39 -16.06
CA ALA B 185 -10.09 15.71 -15.88
C ALA B 185 -10.65 14.87 -14.76
N ARG B 186 -10.30 13.59 -14.75
CA ARG B 186 -10.83 12.64 -13.78
C ARG B 186 -10.26 12.89 -12.36
N VAL B 187 -8.97 13.21 -12.29
CA VAL B 187 -8.36 13.66 -11.02
C VAL B 187 -9.06 14.93 -10.49
N GLU B 188 -9.25 15.93 -11.35
CA GLU B 188 -10.04 17.11 -10.96
C GLU B 188 -11.41 16.70 -10.43
N THR B 189 -12.07 15.79 -11.14
CA THR B 189 -13.39 15.38 -10.69
C THR B 189 -13.34 14.73 -9.31
N VAL B 190 -12.37 13.88 -9.06
CA VAL B 190 -12.38 13.13 -7.80
C VAL B 190 -11.99 14.03 -6.62
N ILE B 191 -11.09 14.98 -6.86
CA ILE B 191 -10.77 16.00 -5.86
C ILE B 191 -12.03 16.78 -5.44
N GLY B 192 -12.83 17.18 -6.44
CA GLY B 192 -14.08 17.91 -6.23
C GLY B 192 -15.13 17.08 -5.51
N ILE B 193 -15.24 15.80 -5.86
CA ILE B 193 -16.13 14.88 -5.15
C ILE B 193 -15.70 14.77 -3.68
N ALA B 194 -14.39 14.63 -3.44
CA ALA B 194 -13.88 14.50 -2.08
C ALA B 194 -14.21 15.73 -1.24
N ASP B 195 -13.90 16.91 -1.77
CA ASP B 195 -14.22 18.18 -1.12
C ASP B 195 -15.69 18.24 -0.72
N THR B 196 -16.57 18.01 -1.70
CA THR B 196 -17.99 18.03 -1.51
C THR B 196 -18.45 16.99 -0.48
N PHE B 197 -17.93 15.77 -0.60
CA PHE B 197 -18.25 14.69 0.34
C PHE B 197 -17.87 15.06 1.77
N LEU B 198 -16.71 15.68 1.92
CA LEU B 198 -16.15 16.00 3.21
C LEU B 198 -16.95 17.09 3.93
N LYS B 199 -17.33 18.13 3.18
CA LYS B 199 -18.23 19.15 3.73
C LYS B 199 -19.57 18.55 4.14
N ARG B 200 -20.09 17.62 3.34
CA ARG B 200 -21.31 16.88 3.66
C ARG B 200 -21.24 16.12 5.02
N VAL B 201 -20.05 15.67 5.41
CA VAL B 201 -19.88 14.91 6.67
C VAL B 201 -19.27 15.73 7.80
N GLY B 202 -19.14 17.03 7.58
CA GLY B 202 -18.82 17.96 8.66
C GLY B 202 -17.46 18.62 8.65
N TYR B 203 -16.70 18.46 7.57
CA TYR B 203 -15.44 19.18 7.47
C TYR B 203 -15.68 20.49 6.72
N VAL B 204 -15.74 21.60 7.45
CA VAL B 204 -16.07 22.88 6.83
C VAL B 204 -15.01 23.29 5.80
N LYS B 205 -13.75 23.04 6.13
CA LYS B 205 -12.65 23.27 5.23
C LYS B 205 -11.83 21.99 5.10
N PRO B 206 -12.17 21.12 4.14
CA PRO B 206 -11.45 19.86 3.99
C PRO B 206 -9.97 20.07 3.65
N ARG B 207 -9.10 19.29 4.28
CA ARG B 207 -7.70 19.22 3.84
C ARG B 207 -7.44 17.87 3.14
N ILE B 208 -7.09 17.94 1.86
CA ILE B 208 -7.08 16.75 0.99
C ILE B 208 -5.65 16.52 0.47
N ALA B 209 -5.18 15.28 0.54
CA ALA B 209 -3.91 14.88 -0.02
C ALA B 209 -4.16 14.03 -1.25
N VAL B 210 -3.32 14.19 -2.27
CA VAL B 210 -3.46 13.44 -3.50
C VAL B 210 -2.20 12.58 -3.62
N ALA B 211 -2.37 11.27 -3.68
CA ALA B 211 -1.27 10.35 -3.90
C ALA B 211 -0.74 10.39 -5.35
N GLY B 212 0.59 10.36 -5.49
CA GLY B 212 1.24 10.14 -6.78
C GLY B 212 0.97 8.76 -7.35
N VAL B 213 1.38 8.56 -8.59
CA VAL B 213 1.23 7.30 -9.30
C VAL B 213 2.52 6.53 -9.11
N ASN B 214 3.63 7.23 -9.30
CA ASN B 214 4.97 6.65 -9.31
C ASN B 214 5.64 6.77 -7.95
N PRO B 215 6.57 5.85 -7.65
CA PRO B 215 7.29 5.87 -6.37
C PRO B 215 7.96 7.24 -6.16
N HIS B 216 7.88 7.73 -4.92
CA HIS B 216 8.15 9.13 -4.58
C HIS B 216 7.44 10.15 -5.47
N ALA B 217 6.15 9.96 -5.79
CA ALA B 217 5.43 10.91 -6.60
C ALA B 217 6.37 11.54 -7.67
N GLY B 218 6.93 10.69 -8.54
CA GLY B 218 7.93 11.11 -9.53
C GLY B 218 9.27 10.39 -9.34
N LEU B 222 11.30 12.44 -11.30
CA LEU B 222 12.39 11.79 -12.04
C LEU B 222 12.05 10.37 -12.58
N PHE B 223 11.04 9.73 -12.01
CA PHE B 223 10.55 8.40 -12.44
C PHE B 223 9.07 8.41 -12.87
N GLY B 224 8.80 8.79 -14.13
CA GLY B 224 7.44 8.87 -14.68
C GLY B 224 6.92 10.30 -14.79
N ASP B 225 5.97 10.53 -15.68
CA ASP B 225 5.47 11.89 -15.95
C ASP B 225 4.05 12.22 -15.47
N GLU B 226 3.33 11.25 -14.90
CA GLU B 226 1.96 11.49 -14.41
C GLU B 226 1.84 12.60 -13.39
N GLU B 227 2.85 12.75 -12.55
CA GLU B 227 2.85 13.79 -11.51
C GLU B 227 2.81 15.19 -12.13
N THR B 228 3.70 15.45 -13.09
CA THR B 228 3.79 16.77 -13.68
C THR B 228 2.76 17.01 -14.79
N ARG B 229 2.39 15.95 -15.48
CA ARG B 229 1.53 16.07 -16.63
C ARG B 229 0.05 15.98 -16.24
N ILE B 230 -0.27 15.18 -15.22
CA ILE B 230 -1.66 14.90 -14.88
C ILE B 230 -2.01 15.44 -13.48
N LEU B 231 -1.12 15.20 -12.53
CA LEU B 231 -1.46 15.35 -11.11
C LEU B 231 -1.31 16.80 -10.62
N THR B 232 -0.20 17.43 -11.00
CA THR B 232 0.02 18.84 -10.72
C THR B 232 -1.02 19.80 -11.37
N PRO B 233 -1.29 19.66 -12.69
CA PRO B 233 -2.33 20.53 -13.24
C PRO B 233 -3.66 20.41 -12.52
N ALA B 234 -4.07 19.19 -12.17
CA ALA B 234 -5.33 18.97 -11.46
C ALA B 234 -5.36 19.62 -10.07
N ILE B 235 -4.20 19.64 -9.41
CA ILE B 235 -4.08 20.15 -8.04
C ILE B 235 -4.04 21.67 -8.08
N THR B 236 -3.29 22.22 -9.03
CA THR B 236 -3.28 23.66 -9.29
C THR B 236 -4.68 24.20 -9.57
N ASP B 237 -5.45 23.47 -10.39
CA ASP B 237 -6.84 23.82 -10.66
C ASP B 237 -7.73 23.73 -9.42
N ALA B 238 -7.51 22.71 -8.59
CA ALA B 238 -8.26 22.54 -7.34
C ALA B 238 -7.98 23.69 -6.37
N ARG B 239 -6.72 24.08 -6.25
N ARG B 239 -6.71 24.07 -6.25
CA ARG B 239 -6.29 25.16 -5.35
CA ARG B 239 -6.29 25.15 -5.37
C ARG B 239 -6.74 26.55 -5.81
C ARG B 239 -6.87 26.50 -5.82
N ALA B 240 -6.92 26.72 -7.12
CA ALA B 240 -7.44 27.97 -7.70
C ALA B 240 -8.96 28.09 -7.52
N LYS B 241 -9.60 27.02 -7.09
CA LYS B 241 -11.01 27.06 -6.74
C LYS B 241 -11.22 27.20 -5.22
N GLY B 242 -10.12 27.39 -4.48
CA GLY B 242 -10.20 27.60 -3.03
C GLY B 242 -10.16 26.35 -2.17
N MSE B 243 -9.99 25.18 -2.80
CA MSE B 243 -9.77 23.92 -2.06
C MSE B 243 -8.35 23.80 -1.51
O MSE B 243 -7.39 24.29 -2.09
CB MSE B 243 -10.11 22.69 -2.90
CG MSE B 243 -11.54 22.69 -3.41
SE MSE B 243 -11.81 21.24 -4.71
CE MSE B 243 -13.14 22.21 -5.80
N ASP B 244 -8.24 23.13 -0.36
CA ASP B 244 -6.99 22.98 0.34
C ASP B 244 -6.46 21.57 0.04
N VAL B 245 -5.75 21.46 -1.08
CA VAL B 245 -5.26 20.19 -1.54
C VAL B 245 -3.75 20.15 -1.68
N TYR B 246 -3.19 19.05 -1.21
CA TYR B 246 -1.78 18.80 -1.18
C TYR B 246 -1.44 17.69 -2.12
N GLY B 247 -0.27 17.79 -2.72
CA GLY B 247 0.27 16.73 -3.51
C GLY B 247 0.95 17.20 -4.78
N PRO B 248 1.40 16.25 -5.61
CA PRO B 248 1.18 14.82 -5.34
C PRO B 248 2.13 14.33 -4.24
N CYS B 249 1.69 13.41 -3.40
CA CYS B 249 2.49 12.98 -2.28
C CYS B 249 2.98 11.56 -2.50
N PRO B 250 4.21 11.26 -2.05
CA PRO B 250 4.72 9.91 -2.12
C PRO B 250 3.69 8.92 -1.56
N PRO B 251 3.27 7.96 -2.38
CA PRO B 251 2.28 6.98 -1.95
C PRO B 251 2.69 6.26 -0.68
N ASP B 252 4.00 6.10 -0.47
CA ASP B 252 4.41 5.35 0.71
C ASP B 252 4.47 6.11 2.06
N THR B 253 4.06 7.37 2.08
CA THR B 253 3.97 8.14 3.34
C THR B 253 2.61 8.82 3.50
N VAL B 254 1.96 9.10 2.37
CA VAL B 254 0.72 9.88 2.39
C VAL B 254 -0.42 9.28 3.25
N PHE B 255 -0.64 7.97 3.14
CA PHE B 255 -1.66 7.28 3.92
C PHE B 255 -1.28 7.23 5.38
N LEU B 256 0.01 7.08 5.66
CA LEU B 256 0.53 7.20 7.01
C LEU B 256 0.20 8.58 7.63
N GLN B 257 0.51 9.63 6.89
CA GLN B 257 0.25 11.02 7.32
C GLN B 257 -1.24 11.33 7.42
N ALA B 258 -2.05 10.77 6.52
CA ALA B 258 -3.47 10.90 6.68
C ALA B 258 -3.87 10.24 7.99
N TYR B 259 -3.43 9.01 8.20
CA TYR B 259 -3.70 8.28 9.43
C TYR B 259 -3.36 9.05 10.73
N GLU B 260 -2.24 9.78 10.68
CA GLU B 260 -1.79 10.55 11.84
C GLU B 260 -2.61 11.83 12.05
N GLY B 261 -3.42 12.21 11.06
CA GLY B 261 -4.27 13.37 11.17
C GLY B 261 -3.94 14.54 10.27
N GLN B 262 -2.92 14.40 9.43
CA GLN B 262 -2.43 15.52 8.61
C GLN B 262 -3.39 15.89 7.52
N TYR B 263 -4.17 14.92 7.09
CA TYR B 263 -5.14 15.13 6.04
C TYR B 263 -6.46 14.50 6.47
N ASP B 264 -7.56 15.07 5.98
CA ASP B 264 -8.87 14.53 6.20
C ASP B 264 -9.15 13.38 5.25
N MSE B 265 -8.51 13.39 4.09
CA MSE B 265 -8.74 12.35 3.12
C MSE B 265 -7.59 12.29 2.15
O MSE B 265 -6.95 13.30 1.86
CB MSE B 265 -10.07 12.63 2.38
CG MSE B 265 -10.41 11.63 1.30
SE MSE B 265 -12.29 11.67 0.80
CE MSE B 265 -13.01 10.35 2.07
N VAL B 266 -7.31 11.08 1.67
CA VAL B 266 -6.36 10.86 0.59
C VAL B 266 -7.10 10.46 -0.68
N VAL B 267 -6.80 11.15 -1.78
CA VAL B 267 -7.22 10.72 -3.09
C VAL B 267 -6.21 9.67 -3.62
N ALA B 268 -6.57 8.39 -3.57
CA ALA B 268 -5.78 7.30 -4.15
C ALA B 268 -5.95 7.21 -5.68
N MSE B 269 -4.89 6.76 -6.34
CA MSE B 269 -4.89 6.56 -7.76
C MSE B 269 -5.58 5.26 -8.17
O MSE B 269 -6.40 5.27 -9.06
CB MSE B 269 -3.44 6.60 -8.26
CG MSE B 269 -2.85 7.99 -8.16
SE MSE B 269 -3.83 9.29 -9.26
CE MSE B 269 -4.60 10.38 -7.81
N TYR B 270 -5.22 4.15 -7.55
CA TYR B 270 -5.73 2.83 -7.96
C TYR B 270 -6.08 2.04 -6.71
N HIS B 271 -6.81 0.94 -6.92
CA HIS B 271 -7.37 0.09 -5.87
C HIS B 271 -6.42 -0.22 -4.70
N ASP B 272 -5.31 -0.90 -5.00
CA ASP B 272 -4.43 -1.42 -3.95
C ASP B 272 -3.73 -0.32 -3.16
N GLN B 273 -3.46 0.78 -3.84
CA GLN B 273 -2.97 1.97 -3.16
C GLN B 273 -3.82 2.33 -1.91
N GLY B 274 -5.14 2.25 -2.02
CA GLY B 274 -6.02 2.57 -0.87
C GLY B 274 -6.38 1.37 -0.04
N HIS B 275 -6.48 0.21 -0.65
CA HIS B 275 -6.92 -1.00 0.07
C HIS B 275 -5.83 -1.68 0.88
N ILE B 276 -4.57 -1.60 0.45
CA ILE B 276 -3.50 -2.22 1.23
C ILE B 276 -3.44 -1.57 2.63
N PRO B 277 -3.39 -0.22 2.67
CA PRO B 277 -3.36 0.48 3.96
C PRO B 277 -4.57 0.21 4.83
N LEU B 278 -5.77 0.27 4.27
CA LEU B 278 -6.98 0.02 5.06
C LEU B 278 -7.07 -1.39 5.66
N LYS B 279 -6.72 -2.42 4.88
CA LYS B 279 -6.81 -3.78 5.38
C LYS B 279 -5.70 -4.09 6.38
N LEU B 280 -4.55 -3.46 6.17
CA LEU B 280 -3.39 -3.65 7.04
C LEU B 280 -3.63 -3.14 8.45
N LEU B 281 -4.37 -2.04 8.57
CA LEU B 281 -4.72 -1.55 9.92
C LEU B 281 -5.87 -2.36 10.56
N GLY B 282 -6.53 -3.21 9.76
CA GLY B 282 -7.64 -4.06 10.22
C GLY B 282 -9.03 -3.44 10.11
N PHE B 283 -9.38 -2.99 8.89
CA PHE B 283 -10.74 -2.49 8.55
C PHE B 283 -11.13 -2.92 7.15
N ASP B 285 -13.32 -4.15 7.36
CA ASP B 285 -14.21 -4.20 6.20
C ASP B 285 -15.64 -3.90 6.65
N GLY B 286 -16.62 -4.33 5.86
CA GLY B 286 -16.37 -4.82 4.49
C GLY B 286 -17.05 -3.89 3.51
N VAL B 287 -16.87 -2.58 3.72
CA VAL B 287 -17.84 -1.55 3.32
C VAL B 287 -17.22 -0.31 2.67
N ASN B 288 -17.98 0.25 1.74
CA ASN B 288 -17.60 1.51 1.13
C ASN B 288 -18.79 2.43 0.86
N ILE B 289 -18.50 3.68 0.56
CA ILE B 289 -19.46 4.68 0.21
C ILE B 289 -19.23 5.05 -1.25
N THR B 290 -20.29 5.04 -2.04
CA THR B 290 -20.27 5.61 -3.38
C THR B 290 -20.51 7.11 -3.30
N ALA B 291 -19.49 7.90 -3.59
CA ALA B 291 -19.54 9.35 -3.39
C ALA B 291 -19.72 10.01 -4.75
N GLY B 292 -20.33 11.19 -4.77
CA GLY B 292 -20.62 11.92 -6.02
C GLY B 292 -22.07 11.82 -6.48
N LEU B 293 -22.85 10.95 -5.83
CA LEU B 293 -24.29 10.95 -6.04
C LEU B 293 -24.89 12.13 -5.26
N PRO B 294 -26.15 12.49 -5.50
CA PRO B 294 -26.79 13.56 -4.71
C PRO B 294 -27.07 13.25 -3.22
N PHE B 295 -26.96 11.96 -2.85
CA PHE B 295 -27.19 11.48 -1.48
C PHE B 295 -26.16 10.41 -1.17
N ILE B 296 -25.96 10.11 0.12
CA ILE B 296 -25.05 9.04 0.56
C ILE B 296 -25.59 7.66 0.16
N ARG B 297 -24.78 6.88 -0.58
CA ARG B 297 -25.00 5.43 -0.68
C ARG B 297 -23.84 4.57 -0.17
N THR B 298 -24.16 3.52 0.58
CA THR B 298 -23.16 2.62 1.08
C THR B 298 -23.50 1.21 0.60
N SER B 299 -22.52 0.33 0.72
CA SER B 299 -22.66 -1.06 0.30
C SER B 299 -21.47 -1.82 0.88
N ALA B 300 -21.55 -3.14 0.81
CA ALA B 300 -20.47 -4.00 1.25
C ALA B 300 -19.90 -4.78 0.05
N ASP B 301 -18.72 -5.36 0.21
CA ASP B 301 -17.93 -5.96 -0.89
C ASP B 301 -18.36 -7.36 -1.35
N HIS B 302 -19.31 -7.96 -0.64
CA HIS B 302 -19.86 -9.27 -0.99
C HIS B 302 -20.75 -9.21 -2.23
N GLY B 303 -20.84 -10.35 -2.93
CA GLY B 303 -21.72 -10.52 -4.08
C GLY B 303 -22.97 -11.20 -3.60
N THR B 304 -23.80 -11.67 -4.53
CA THR B 304 -25.05 -12.34 -4.15
C THR B 304 -24.86 -13.69 -3.43
N ALA B 305 -23.66 -14.28 -3.54
CA ALA B 305 -23.36 -15.58 -2.89
C ALA B 305 -24.45 -16.61 -3.17
N PHE B 306 -24.70 -16.82 -4.45
CA PHE B 306 -25.74 -17.75 -4.92
C PHE B 306 -25.61 -19.21 -4.42
N ASP B 307 -24.38 -19.65 -4.14
CA ASP B 307 -24.16 -21.03 -3.67
C ASP B 307 -24.64 -21.31 -2.24
N ILE B 308 -24.67 -20.28 -1.40
CA ILE B 308 -25.07 -20.42 0.01
C ILE B 308 -26.36 -19.66 0.37
N ALA B 309 -26.89 -18.90 -0.58
CA ALA B 309 -28.11 -18.13 -0.40
C ALA B 309 -29.25 -19.01 0.10
N TRP B 310 -30.05 -18.44 1.02
CA TRP B 310 -31.22 -19.09 1.66
C TRP B 310 -30.89 -20.35 2.47
N THR B 311 -29.68 -20.43 3.02
CA THR B 311 -29.30 -21.53 3.91
C THR B 311 -29.10 -21.00 5.33
N GLY B 312 -28.74 -19.72 5.43
CA GLY B 312 -28.51 -19.10 6.72
C GLY B 312 -27.04 -18.97 7.05
N LYS B 313 -26.18 -19.32 6.09
CA LYS B 313 -24.76 -19.40 6.40
C LYS B 313 -23.94 -18.17 5.97
N ALA B 314 -24.59 -17.27 5.21
CA ALA B 314 -23.94 -16.01 4.80
C ALA B 314 -23.86 -15.04 5.97
N LYS B 315 -22.71 -14.38 6.09
CA LYS B 315 -22.45 -13.43 7.18
C LYS B 315 -23.18 -12.09 6.93
N SER B 316 -23.86 -11.59 7.97
CA SER B 316 -24.56 -10.31 7.85
C SER B 316 -23.81 -9.11 8.42
N GLU B 317 -22.61 -9.33 8.97
CA GLU B 317 -21.84 -8.29 9.67
C GLU B 317 -21.62 -7.06 8.81
N SER B 318 -21.01 -7.26 7.64
CA SER B 318 -20.81 -6.24 6.62
C SER B 318 -22.04 -5.38 6.34
N MSE B 319 -23.15 -6.06 6.06
CA MSE B 319 -24.44 -5.43 5.78
C MSE B 319 -24.84 -4.52 6.94
O MSE B 319 -25.34 -3.41 6.72
CB MSE B 319 -25.50 -6.49 5.55
CG MSE B 319 -26.85 -5.95 5.03
SE MSE B 319 -26.74 -5.16 3.23
CE MSE B 319 -28.12 -3.79 3.43
N ALA B 320 -24.61 -4.99 8.16
CA ALA B 320 -24.96 -4.23 9.36
C ALA B 320 -24.13 -2.97 9.48
N VAL B 321 -22.84 -3.09 9.11
CA VAL B 321 -21.91 -1.97 9.11
C VAL B 321 -22.31 -0.97 8.02
N SER B 322 -22.58 -1.50 6.84
CA SER B 322 -23.07 -0.72 5.70
C SER B 322 -24.26 0.20 6.08
N ILE B 323 -25.25 -0.37 6.77
CA ILE B 323 -26.43 0.36 7.23
C ILE B 323 -26.09 1.34 8.36
N LYS B 324 -25.39 0.86 9.39
CA LYS B 324 -24.92 1.74 10.46
C LYS B 324 -24.20 2.98 9.89
N LEU B 325 -23.41 2.79 8.83
CA LEU B 325 -22.63 3.89 8.26
C LEU B 325 -23.53 4.86 7.55
N ALA B 326 -24.53 4.35 6.84
CA ALA B 326 -25.47 5.19 6.08
C ALA B 326 -26.29 6.11 7.01
N MSE B 327 -26.63 5.57 8.17
CA MSE B 327 -27.33 6.29 9.21
C MSE B 327 -26.49 7.45 9.72
O MSE B 327 -26.94 8.61 9.68
CB MSE B 327 -27.64 5.35 10.38
CG MSE B 327 -28.39 4.07 10.02
SE MSE B 327 -29.33 3.32 11.59
CE MSE B 327 -27.81 3.10 12.83
N GLN B 328 -25.28 7.13 10.18
CA GLN B 328 -24.30 8.08 10.68
C GLN B 328 -24.13 9.26 9.74
N LEU B 329 -24.02 8.98 8.45
CA LEU B 329 -23.66 9.97 7.47
C LEU B 329 -24.82 10.67 6.78
N ALA B 330 -26.03 10.10 6.88
CA ALA B 330 -27.24 10.62 6.24
C ALA B 330 -27.42 12.13 6.48
#